data_7WX3
#
_entry.id   7WX3
#
_cell.length_a   1.00
_cell.length_b   1.00
_cell.length_c   1.00
_cell.angle_alpha   90.00
_cell.angle_beta   90.00
_cell.angle_gamma   90.00
#
_symmetry.space_group_name_H-M   'P 1'
#
loop_
_entity.id
_entity.type
_entity.pdbx_description
1 polymer 'Delta-1-pyrroline-5-carboxylate synthase'
2 non-polymer 'GAMMA-GLUTAMYL PHOSPHATE'
3 non-polymer "ADENOSINE-5'-DIPHOSPHATE"
4 non-polymer 'MAGNESIUM ION'
#
_entity_poly.entity_id   1
_entity_poly.type   'polypeptide(L)'
_entity_poly.pdbx_seq_one_letter_code
;MLQNSFKLAQSLRNGFYRNAWRAFSSHGPRQPLVSPERRLEKAHPTFTERSQLKYARRLVVKLGSAVITREDNHGLALGR
LASIVEQVAECHLEGREVMMVTSGAVAFGKQKLAQELLMSLSMRETLNPKDSKEFDGATLEPRAAAAVGQSGLMSLYDAM
FAQYGVKIAQVLVTKPDFYNEETRNNLFCTLSELISLNIVPIINTNDAVSPPMFIRDDEPAGGARRGIPIKDNDSLSAML
AAEVQADLLILMSDVDGIYNKPPWEDGAKLMHTYTSDDSNSIEFGKKSKVGTGGMDSKVKAATWALDRGVSVVICNGMQE
KAIKTIIGGRKVGTFFTEATESANAVPVEVMAENARTGSRQMQALTPAQRASAVNTLADLLVSREKFILDANAKDLAEAQ
KSGLAKPLLSRLSLNPAKLKNLSVGLKQIAEDSHKNVGRVLRRTRLADQLELKQVTVPIGVLLVIFESRPDSLPQVAALA
MASANGLLLKGGKEAAHSNKALMELVKEALATVGAEHAVSLVSTREEISDLLSMENHIDLIIPRGSSDLVRSIQQQSLHI
PVLGHAEGVCHVYIDRDADLEKALRIARDAKCDYPAACNAMETLLIHEDLMSGAIFGDVCNMLKREGVKIYAGPRLNQQL
TFGPPAAKSLKHEYGALECCIEVVPSLDEAINHIHTYGSSHTDVIVTENDAAARQFLGSVDSACVFHNASSRFADGFRFG
LGAEVGISTARIHARGPVGVEGLLTTKWILEGQDHAAADFAEGGGRTWLHETLPLD
;
_entity_poly.pdbx_strand_id   A,E,B,F,C,G,D,H
#
# COMPACT_ATOMS: atom_id res chain seq x y z
N PRO A 45 -6.88 -31.16 -29.41
CA PRO A 45 -6.83 -29.76 -28.96
C PRO A 45 -7.47 -28.83 -29.97
N THR A 46 -7.65 -27.57 -29.59
CA THR A 46 -8.31 -26.62 -30.47
C THR A 46 -7.33 -25.75 -31.24
N PHE A 47 -6.08 -25.67 -30.81
CA PHE A 47 -5.06 -24.87 -31.46
C PHE A 47 -3.93 -25.79 -31.90
N THR A 48 -3.63 -25.78 -33.20
CA THR A 48 -2.59 -26.64 -33.74
C THR A 48 -1.37 -25.86 -34.19
N GLU A 49 -1.53 -24.82 -34.98
CA GLU A 49 -0.40 -23.99 -35.38
C GLU A 49 -0.36 -22.74 -34.50
N ARG A 50 0.84 -22.18 -34.37
CA ARG A 50 1.05 -21.11 -33.41
C ARG A 50 0.37 -19.80 -33.80
N SER A 51 -0.05 -19.65 -35.04
CA SER A 51 -0.69 -18.41 -35.46
C SER A 51 -2.10 -18.25 -34.90
N GLN A 52 -2.67 -19.28 -34.30
CA GLN A 52 -4.04 -19.24 -33.83
C GLN A 52 -4.16 -18.86 -32.37
N LEU A 53 -3.06 -18.59 -31.69
CA LEU A 53 -3.14 -18.28 -30.28
C LEU A 53 -3.71 -16.91 -30.01
N LYS A 54 -3.97 -16.11 -31.04
CA LYS A 54 -4.60 -14.81 -30.80
C LYS A 54 -6.00 -14.96 -30.26
N TYR A 55 -6.68 -16.05 -30.60
CA TYR A 55 -8.06 -16.27 -30.19
C TYR A 55 -8.16 -17.11 -28.93
N ALA A 56 -7.08 -17.19 -28.15
CA ALA A 56 -7.11 -17.91 -26.88
C ALA A 56 -7.98 -17.15 -25.91
N ARG A 57 -9.10 -17.74 -25.53
CA ARG A 57 -10.07 -17.06 -24.68
C ARG A 57 -9.82 -17.24 -23.21
N ARG A 58 -9.31 -18.40 -22.79
CA ARG A 58 -9.06 -18.69 -21.39
C ARG A 58 -7.62 -19.08 -21.20
N LEU A 59 -6.88 -18.30 -20.43
CA LEU A 59 -5.48 -18.56 -20.13
C LEU A 59 -5.32 -19.12 -18.74
N VAL A 60 -4.21 -19.81 -18.52
CA VAL A 60 -3.75 -20.18 -17.18
C VAL A 60 -2.25 -20.00 -17.18
N VAL A 61 -1.77 -18.98 -16.47
CA VAL A 61 -0.37 -18.59 -16.48
C VAL A 61 0.27 -19.06 -15.19
N LYS A 62 1.29 -19.91 -15.30
CA LYS A 62 1.94 -20.47 -14.13
C LYS A 62 3.29 -19.79 -13.94
N LEU A 63 3.43 -19.02 -12.87
CA LEU A 63 4.68 -18.33 -12.56
C LEU A 63 5.58 -19.26 -11.75
N GLY A 64 6.73 -19.60 -12.29
CA GLY A 64 7.68 -20.41 -11.55
C GLY A 64 8.16 -19.70 -10.30
N SER A 65 9.02 -20.39 -9.57
CA SER A 65 9.61 -19.81 -8.37
C SER A 65 10.95 -19.14 -8.63
N ALA A 66 11.54 -19.37 -9.80
CA ALA A 66 12.73 -18.65 -10.20
C ALA A 66 12.41 -17.39 -10.98
N VAL A 67 11.13 -17.15 -11.28
CA VAL A 67 10.69 -15.92 -11.92
C VAL A 67 10.25 -14.88 -10.91
N ILE A 68 10.27 -15.20 -9.62
CA ILE A 68 9.81 -14.30 -8.58
C ILE A 68 10.95 -13.77 -7.73
N THR A 69 11.87 -14.62 -7.31
CA THR A 69 12.97 -14.22 -6.46
C THR A 69 14.25 -14.09 -7.27
N ARG A 70 15.15 -13.23 -6.80
CA ARG A 70 16.39 -12.96 -7.49
C ARG A 70 17.42 -14.04 -7.18
N GLU A 71 18.53 -14.00 -7.93
CA GLU A 71 19.55 -15.04 -7.76
C GLU A 71 20.38 -14.81 -6.50
N ASP A 72 20.57 -13.55 -6.11
CA ASP A 72 21.30 -13.27 -4.89
C ASP A 72 20.46 -13.43 -3.64
N ASN A 73 19.14 -13.57 -3.79
CA ASN A 73 18.23 -13.73 -2.67
C ASN A 73 18.30 -12.57 -1.70
N HIS A 74 18.03 -11.37 -2.22
CA HIS A 74 17.96 -10.16 -1.39
C HIS A 74 16.73 -9.35 -1.77
N GLY A 75 15.61 -10.03 -1.97
CA GLY A 75 14.35 -9.41 -2.25
C GLY A 75 13.68 -10.06 -3.43
N LEU A 76 12.55 -9.49 -3.83
CA LEU A 76 11.83 -9.98 -5.00
C LEU A 76 12.48 -9.46 -6.26
N ALA A 77 12.07 -10.02 -7.39
CA ALA A 77 12.46 -9.52 -8.69
C ALA A 77 11.29 -8.69 -9.18
N LEU A 78 11.23 -7.43 -8.75
CA LEU A 78 10.12 -6.58 -9.13
C LEU A 78 10.07 -6.34 -10.62
N GLY A 79 11.20 -6.44 -11.31
CA GLY A 79 11.18 -6.30 -12.75
C GLY A 79 10.30 -7.33 -13.41
N ARG A 80 10.66 -8.60 -13.26
CA ARG A 80 9.91 -9.67 -13.90
C ARG A 80 8.50 -9.75 -13.35
N LEU A 81 8.35 -9.61 -12.04
CA LEU A 81 7.03 -9.71 -11.44
C LEU A 81 6.09 -8.63 -11.97
N ALA A 82 6.55 -7.37 -11.98
CA ALA A 82 5.68 -6.31 -12.45
C ALA A 82 5.44 -6.40 -13.94
N SER A 83 6.41 -6.89 -14.71
CA SER A 83 6.17 -7.03 -16.14
C SER A 83 5.13 -8.10 -16.43
N ILE A 84 5.15 -9.20 -15.68
CA ILE A 84 4.14 -10.24 -15.89
C ILE A 84 2.78 -9.76 -15.42
N VAL A 85 2.72 -9.01 -14.32
CA VAL A 85 1.45 -8.47 -13.89
C VAL A 85 0.91 -7.47 -14.91
N GLU A 86 1.78 -6.67 -15.51
CA GLU A 86 1.33 -5.74 -16.54
C GLU A 86 0.79 -6.47 -17.76
N GLN A 87 1.47 -7.52 -18.20
CA GLN A 87 0.98 -8.26 -19.36
C GLN A 87 -0.33 -8.98 -19.05
N VAL A 88 -0.47 -9.53 -17.86
CA VAL A 88 -1.73 -10.20 -17.52
C VAL A 88 -2.86 -9.19 -17.39
N ALA A 89 -2.60 -8.02 -16.82
CA ALA A 89 -3.66 -7.03 -16.71
C ALA A 89 -4.05 -6.50 -18.08
N GLU A 90 -3.10 -6.35 -19.00
CA GLU A 90 -3.49 -5.88 -20.33
C GLU A 90 -4.01 -7.00 -21.22
N CYS A 91 -3.87 -8.26 -20.82
CA CYS A 91 -4.56 -9.35 -21.50
C CYS A 91 -5.88 -9.70 -20.85
N HIS A 92 -6.15 -9.17 -19.67
CA HIS A 92 -7.41 -9.38 -19.00
C HIS A 92 -8.36 -8.21 -19.16
N LEU A 93 -7.83 -7.01 -19.37
CA LEU A 93 -8.66 -5.89 -19.77
C LEU A 93 -8.93 -5.87 -21.26
N GLU A 94 -8.71 -7.00 -21.92
CA GLU A 94 -8.96 -7.13 -23.35
C GLU A 94 -10.03 -8.16 -23.66
N GLY A 95 -10.59 -8.81 -22.65
CA GLY A 95 -11.64 -9.78 -22.84
C GLY A 95 -11.30 -11.18 -22.38
N ARG A 96 -10.02 -11.54 -22.31
CA ARG A 96 -9.65 -12.88 -21.92
C ARG A 96 -9.95 -13.11 -20.44
N GLU A 97 -9.74 -14.34 -20.00
CA GLU A 97 -10.04 -14.75 -18.63
C GLU A 97 -8.79 -15.39 -18.05
N VAL A 98 -7.92 -14.58 -17.49
CA VAL A 98 -6.64 -15.08 -17.02
C VAL A 98 -6.80 -15.61 -15.60
N MET A 99 -5.96 -16.56 -15.23
CA MET A 99 -6.02 -17.20 -13.93
C MET A 99 -4.63 -17.68 -13.58
N MET A 100 -3.97 -17.01 -12.64
CA MET A 100 -2.56 -17.25 -12.37
C MET A 100 -2.39 -18.32 -11.33
N VAL A 101 -1.39 -19.18 -11.52
CA VAL A 101 -1.03 -20.18 -10.54
C VAL A 101 0.35 -19.82 -10.01
N THR A 102 0.39 -19.02 -8.97
CA THR A 102 1.66 -18.47 -8.50
C THR A 102 2.45 -19.51 -7.73
N SER A 103 3.70 -19.19 -7.48
CA SER A 103 4.58 -20.03 -6.69
C SER A 103 5.52 -19.16 -5.89
N GLY A 104 6.57 -19.75 -5.33
CA GLY A 104 7.59 -18.94 -4.70
C GLY A 104 7.15 -18.22 -3.45
N ALA A 105 6.21 -18.79 -2.70
CA ALA A 105 5.94 -18.28 -1.37
C ALA A 105 6.99 -18.75 -0.39
N VAL A 106 7.54 -19.94 -0.58
CA VAL A 106 8.53 -20.47 0.35
C VAL A 106 9.83 -19.69 0.25
N ALA A 107 10.25 -19.33 -0.96
CA ALA A 107 11.51 -18.59 -1.08
C ALA A 107 11.41 -17.19 -0.47
N PHE A 108 10.35 -16.47 -0.81
CA PHE A 108 10.12 -15.15 -0.22
C PHE A 108 10.01 -15.25 1.30
N GLY A 109 9.30 -16.26 1.79
CA GLY A 109 9.22 -16.43 3.22
C GLY A 109 10.56 -16.72 3.85
N LYS A 110 11.40 -17.50 3.17
CA LYS A 110 12.71 -17.79 3.73
C LYS A 110 13.54 -16.53 3.86
N GLN A 111 13.44 -15.63 2.89
CA GLN A 111 14.14 -14.35 3.02
C GLN A 111 13.63 -13.56 4.22
N LYS A 112 12.31 -13.42 4.33
CA LYS A 112 11.76 -12.64 5.43
C LYS A 112 12.13 -13.24 6.79
N LEU A 113 12.15 -14.57 6.88
CA LEU A 113 12.47 -15.21 8.15
C LEU A 113 13.95 -15.11 8.46
N ALA A 114 14.81 -15.17 7.45
CA ALA A 114 16.23 -14.94 7.71
C ALA A 114 16.46 -13.56 8.27
N GLN A 115 15.78 -12.55 7.71
CA GLN A 115 15.90 -11.20 8.28
C GLN A 115 15.42 -11.15 9.72
N GLU A 116 14.22 -11.66 9.97
CA GLU A 116 13.65 -11.55 11.31
C GLU A 116 14.38 -12.41 12.32
N LEU A 117 15.16 -13.40 11.88
CA LEU A 117 15.98 -14.15 12.81
C LEU A 117 17.31 -13.48 13.06
N LEU A 118 17.89 -12.83 12.04
CA LEU A 118 19.11 -12.09 12.25
C LEU A 118 18.90 -10.85 13.09
N MET A 119 17.70 -10.29 13.08
CA MET A 119 17.39 -9.11 13.87
C MET A 119 16.92 -9.45 15.28
N SER A 120 17.25 -10.63 15.78
CA SER A 120 16.78 -11.04 17.11
C SER A 120 17.86 -11.72 17.93
N LEU A 121 19.11 -11.66 17.49
CA LEU A 121 20.21 -12.18 18.28
C LEU A 121 20.68 -11.11 19.27
N SER A 122 21.37 -11.56 20.31
CA SER A 122 21.96 -10.63 21.24
C SER A 122 23.14 -9.91 20.59
N MET A 123 23.46 -8.73 21.13
CA MET A 123 24.62 -8.01 20.63
C MET A 123 25.90 -8.81 20.83
N ARG A 124 25.89 -9.81 21.71
CA ARG A 124 27.09 -10.59 21.92
C ARG A 124 27.25 -11.66 20.85
N GLU A 125 26.15 -12.29 20.44
CA GLU A 125 26.23 -13.33 19.42
C GLU A 125 26.47 -12.74 18.03
N THR A 126 26.05 -11.50 17.81
CA THR A 126 26.29 -10.88 16.52
C THR A 126 27.77 -10.63 16.30
N LEU A 127 28.49 -10.25 17.34
CA LEU A 127 29.90 -9.89 17.21
C LEU A 127 30.81 -11.09 17.01
N ASN A 128 30.27 -12.30 16.85
CA ASN A 128 31.09 -13.46 16.49
C ASN A 128 30.22 -14.62 16.03
N LEU A 140 15.58 -22.84 9.16
CA LEU A 140 14.36 -22.18 8.70
C LEU A 140 13.33 -23.21 8.28
N GLU A 141 12.21 -23.24 8.99
CA GLU A 141 11.19 -24.22 8.72
C GLU A 141 10.47 -23.87 7.42
N PRO A 142 10.10 -24.86 6.60
CA PRO A 142 9.37 -24.54 5.37
C PRO A 142 7.98 -24.01 5.60
N ARG A 143 7.30 -24.42 6.67
CA ARG A 143 5.92 -24.02 6.86
C ARG A 143 5.80 -22.57 7.30
N ALA A 144 6.62 -22.15 8.26
CA ALA A 144 6.59 -20.75 8.66
C ALA A 144 7.01 -19.84 7.51
N ALA A 145 8.03 -20.25 6.77
CA ALA A 145 8.41 -19.50 5.58
C ALA A 145 7.24 -19.38 4.62
N ALA A 146 6.52 -20.47 4.42
CA ALA A 146 5.39 -20.44 3.51
C ALA A 146 4.33 -19.46 3.97
N ALA A 147 4.03 -19.44 5.28
CA ALA A 147 3.03 -18.50 5.78
C ALA A 147 3.44 -17.05 5.50
N VAL A 148 4.65 -16.68 5.94
CA VAL A 148 5.08 -15.29 5.77
C VAL A 148 5.12 -14.92 4.30
N GLY A 149 5.64 -15.82 3.47
CA GLY A 149 5.78 -15.50 2.06
C GLY A 149 4.44 -15.37 1.36
N GLN A 150 3.47 -16.21 1.71
CA GLN A 150 2.16 -16.10 1.07
C GLN A 150 1.52 -14.77 1.39
N SER A 151 1.58 -14.36 2.67
CA SER A 151 1.01 -13.06 2.99
C SER A 151 1.68 -11.93 2.21
N GLY A 152 3.00 -11.90 2.22
CA GLY A 152 3.70 -10.81 1.54
C GLY A 152 3.46 -10.79 0.04
N LEU A 153 3.45 -11.96 -0.57
CA LEU A 153 3.25 -12.03 -2.02
C LEU A 153 1.85 -11.60 -2.41
N MET A 154 0.84 -12.01 -1.65
CA MET A 154 -0.51 -11.58 -1.98
C MET A 154 -0.67 -10.08 -1.81
N SER A 155 -0.02 -9.49 -0.80
CA SER A 155 -0.10 -8.04 -0.67
C SER A 155 0.54 -7.34 -1.86
N LEU A 156 1.68 -7.84 -2.33
CA LEU A 156 2.33 -7.21 -3.47
C LEU A 156 1.50 -7.34 -4.74
N TYR A 157 0.98 -8.53 -5.02
CA TYR A 157 0.09 -8.71 -6.16
C TYR A 157 -1.10 -7.77 -6.07
N ASP A 158 -1.67 -7.63 -4.88
CA ASP A 158 -2.82 -6.76 -4.72
C ASP A 158 -2.49 -5.34 -5.14
N ALA A 159 -1.37 -4.81 -4.65
CA ALA A 159 -0.99 -3.46 -5.02
C ALA A 159 -0.77 -3.33 -6.52
N MET A 160 0.04 -4.22 -7.09
CA MET A 160 0.39 -4.10 -8.51
C MET A 160 -0.83 -4.24 -9.40
N PHE A 161 -1.79 -5.08 -9.03
CA PHE A 161 -2.96 -5.24 -9.86
C PHE A 161 -3.93 -4.10 -9.69
N ALA A 162 -4.12 -3.62 -8.47
CA ALA A 162 -4.99 -2.47 -8.26
C ALA A 162 -4.46 -1.23 -8.96
N GLN A 163 -3.17 -1.21 -9.30
CA GLN A 163 -2.69 -0.12 -10.15
C GLN A 163 -3.35 -0.10 -11.52
N TYR A 164 -4.05 -1.17 -11.91
CA TYR A 164 -4.68 -1.26 -13.23
C TYR A 164 -6.18 -1.38 -13.14
N GLY A 165 -6.77 -1.25 -11.95
CA GLY A 165 -8.18 -1.43 -11.78
C GLY A 165 -8.64 -2.86 -11.67
N VAL A 166 -7.74 -3.82 -11.78
CA VAL A 166 -8.07 -5.23 -11.72
C VAL A 166 -8.14 -5.67 -10.26
N LYS A 167 -9.00 -6.64 -9.98
CA LYS A 167 -9.15 -7.18 -8.65
C LYS A 167 -8.68 -8.63 -8.64
N ILE A 168 -8.18 -9.08 -7.49
CA ILE A 168 -7.64 -10.43 -7.38
C ILE A 168 -8.29 -11.15 -6.22
N ALA A 169 -8.15 -12.47 -6.23
CA ALA A 169 -8.67 -13.32 -5.18
C ALA A 169 -7.67 -14.43 -4.93
N GLN A 170 -7.62 -14.90 -3.69
CA GLN A 170 -6.60 -15.86 -3.26
C GLN A 170 -7.27 -17.16 -2.89
N VAL A 171 -7.16 -18.17 -3.74
CA VAL A 171 -7.71 -19.49 -3.50
C VAL A 171 -6.55 -20.42 -3.16
N LEU A 172 -6.60 -21.05 -1.99
CA LEU A 172 -5.53 -21.93 -1.52
C LEU A 172 -6.05 -23.36 -1.45
N VAL A 173 -5.51 -24.24 -2.27
CA VAL A 173 -5.96 -25.62 -2.34
C VAL A 173 -4.91 -26.52 -1.71
N THR A 174 -5.27 -27.78 -1.51
CA THR A 174 -4.32 -28.77 -0.99
C THR A 174 -4.36 -30.05 -1.80
N LYS A 175 -3.71 -31.09 -1.33
CA LYS A 175 -3.75 -32.37 -2.02
C LYS A 175 -5.04 -33.12 -1.77
N PRO A 176 -5.58 -33.17 -0.54
CA PRO A 176 -6.85 -33.88 -0.32
C PRO A 176 -8.07 -33.17 -0.88
N ASP A 177 -7.97 -31.91 -1.27
CA ASP A 177 -9.12 -31.23 -1.87
C ASP A 177 -9.35 -31.63 -3.31
N PHE A 178 -8.52 -32.51 -3.87
CA PHE A 178 -8.70 -32.99 -5.23
C PHE A 178 -9.10 -34.44 -5.29
N TYR A 179 -9.47 -35.02 -4.15
CA TYR A 179 -10.02 -36.37 -4.10
C TYR A 179 -11.49 -36.40 -3.70
N ASN A 180 -11.90 -35.52 -2.80
CA ASN A 180 -13.31 -35.39 -2.48
C ASN A 180 -14.06 -34.80 -3.67
N GLU A 181 -14.92 -35.60 -4.29
CA GLU A 181 -15.66 -35.11 -5.45
C GLU A 181 -16.48 -33.87 -5.09
N GLU A 182 -17.04 -33.84 -3.89
CA GLU A 182 -17.80 -32.67 -3.46
C GLU A 182 -16.90 -31.44 -3.40
N THR A 183 -15.72 -31.58 -2.78
CA THR A 183 -14.83 -30.44 -2.67
C THR A 183 -14.28 -30.02 -4.03
N ARG A 184 -14.01 -30.99 -4.91
CA ARG A 184 -13.50 -30.63 -6.22
C ARG A 184 -14.55 -29.87 -7.03
N ASN A 185 -15.79 -30.35 -7.03
CA ASN A 185 -16.83 -29.66 -7.77
C ASN A 185 -17.09 -28.28 -7.18
N ASN A 186 -17.05 -28.16 -5.85
CA ASN A 186 -17.23 -26.84 -5.25
C ASN A 186 -16.10 -25.90 -5.63
N LEU A 187 -14.87 -26.39 -5.65
CA LEU A 187 -13.75 -25.56 -6.02
C LEU A 187 -13.90 -25.06 -7.45
N PHE A 188 -14.32 -25.92 -8.37
CA PHE A 188 -14.42 -25.48 -9.75
C PHE A 188 -15.61 -24.56 -9.97
N CYS A 189 -16.71 -24.77 -9.26
CA CYS A 189 -17.80 -23.79 -9.31
C CYS A 189 -17.32 -22.43 -8.80
N THR A 190 -16.53 -22.43 -7.73
CA THR A 190 -15.99 -21.17 -7.22
C THR A 190 -15.10 -20.49 -8.24
N LEU A 191 -14.21 -21.25 -8.88
CA LEU A 191 -13.31 -20.66 -9.86
C LEU A 191 -14.08 -20.08 -11.03
N SER A 192 -15.06 -20.82 -11.55
CA SER A 192 -15.84 -20.30 -12.68
C SER A 192 -16.63 -19.06 -12.28
N GLU A 193 -17.15 -19.05 -11.06
CA GLU A 193 -17.90 -17.87 -10.63
C GLU A 193 -17.00 -16.67 -10.45
N LEU A 194 -15.77 -16.87 -9.98
CA LEU A 194 -14.85 -15.75 -9.84
C LEU A 194 -14.41 -15.23 -11.20
N ILE A 195 -14.18 -16.13 -12.15
CA ILE A 195 -13.76 -15.72 -13.48
C ILE A 195 -14.86 -14.95 -14.19
N SER A 196 -16.12 -15.36 -14.00
CA SER A 196 -17.20 -14.68 -14.69
C SER A 196 -17.56 -13.33 -14.08
N LEU A 197 -16.81 -12.83 -13.11
CA LEU A 197 -17.01 -11.50 -12.55
C LEU A 197 -15.84 -10.58 -12.83
N ASN A 198 -14.98 -10.97 -13.76
CA ASN A 198 -13.77 -10.22 -14.07
C ASN A 198 -12.91 -10.01 -12.81
N ILE A 199 -12.55 -11.13 -12.19
CA ILE A 199 -11.67 -11.18 -11.04
C ILE A 199 -10.60 -12.22 -11.35
N VAL A 200 -9.34 -11.89 -11.06
CA VAL A 200 -8.23 -12.78 -11.39
C VAL A 200 -7.90 -13.67 -10.20
N PRO A 201 -8.33 -14.92 -10.15
CA PRO A 201 -7.97 -15.77 -9.03
C PRO A 201 -6.50 -16.13 -9.11
N ILE A 202 -5.91 -16.39 -7.95
CA ILE A 202 -4.48 -16.68 -7.85
C ILE A 202 -4.36 -17.94 -6.98
N ILE A 203 -4.22 -19.08 -7.63
CA ILE A 203 -4.24 -20.36 -6.96
C ILE A 203 -2.85 -20.71 -6.46
N ASN A 204 -2.79 -21.37 -5.31
CA ASN A 204 -1.52 -21.84 -4.77
C ASN A 204 -1.82 -22.89 -3.71
N THR A 205 -0.89 -23.81 -3.52
CA THR A 205 -1.08 -24.87 -2.54
C THR A 205 -0.88 -24.33 -1.14
N ASN A 206 -1.68 -24.82 -0.20
CA ASN A 206 -1.63 -24.35 1.18
C ASN A 206 -0.38 -24.92 1.83
N ASP A 207 0.75 -24.26 1.58
CA ASP A 207 2.02 -24.76 2.09
C ASP A 207 2.16 -24.52 3.58
N ALA A 208 1.33 -23.64 4.14
CA ALA A 208 1.51 -23.24 5.54
C ALA A 208 1.19 -24.37 6.50
N VAL A 209 0.11 -25.10 6.23
CA VAL A 209 -0.36 -26.12 7.16
C VAL A 209 -0.26 -27.53 6.58
N SER A 210 -0.11 -27.69 5.28
CA SER A 210 -0.01 -29.03 4.71
C SER A 210 0.63 -28.98 3.34
N PRO A 211 1.95 -28.86 3.26
CA PRO A 211 2.62 -28.78 1.96
C PRO A 211 2.52 -30.10 1.23
N PRO A 212 2.17 -30.08 -0.06
CA PRO A 212 1.96 -31.34 -0.76
C PRO A 212 3.24 -32.06 -1.11
N MET A 213 4.39 -31.36 -1.09
CA MET A 213 5.64 -32.02 -1.44
C MET A 213 5.99 -33.13 -0.47
N PHE A 214 5.47 -33.07 0.75
CA PHE A 214 5.78 -34.07 1.76
C PHE A 214 4.54 -34.85 2.17
N ILE A 228 -3.73 -37.22 -12.34
CA ILE A 228 -2.33 -36.81 -12.25
C ILE A 228 -1.98 -36.49 -10.81
N PRO A 229 -0.92 -37.10 -10.31
CA PRO A 229 -0.53 -36.88 -8.91
C PRO A 229 -0.01 -35.48 -8.66
N ILE A 230 -0.73 -34.69 -7.87
CA ILE A 230 -0.34 -33.32 -7.61
C ILE A 230 0.86 -33.29 -6.67
N LYS A 231 2.05 -33.11 -7.22
CA LYS A 231 3.28 -33.14 -6.44
C LYS A 231 3.97 -31.79 -6.32
N ASP A 232 3.51 -30.78 -7.03
CA ASP A 232 4.16 -29.48 -7.03
C ASP A 232 3.15 -28.44 -7.47
N ASN A 233 3.64 -27.27 -7.84
CA ASN A 233 2.80 -26.23 -8.43
C ASN A 233 2.81 -26.27 -9.94
N ASP A 234 3.09 -27.42 -10.52
CA ASP A 234 3.01 -27.61 -11.96
C ASP A 234 1.93 -28.62 -12.34
N SER A 235 1.93 -29.79 -11.72
CA SER A 235 0.82 -30.70 -11.92
C SER A 235 -0.48 -30.07 -11.47
N LEU A 236 -0.42 -29.19 -10.46
CA LEU A 236 -1.61 -28.45 -10.07
C LEU A 236 -2.09 -27.57 -11.21
N SER A 237 -1.17 -26.89 -11.89
CA SER A 237 -1.57 -26.03 -12.99
C SER A 237 -2.13 -26.84 -14.14
N ALA A 238 -1.56 -28.01 -14.42
CA ALA A 238 -2.10 -28.83 -15.50
C ALA A 238 -3.49 -29.34 -15.16
N MET A 239 -3.68 -29.85 -13.96
CA MET A 239 -5.00 -30.32 -13.55
C MET A 239 -6.02 -29.19 -13.60
N LEU A 240 -5.65 -28.02 -13.09
CA LEU A 240 -6.53 -26.87 -13.13
C LEU A 240 -6.92 -26.52 -14.57
N ALA A 241 -5.93 -26.23 -15.41
CA ALA A 241 -6.22 -25.82 -16.77
C ALA A 241 -6.80 -26.93 -17.61
N ALA A 242 -6.86 -28.16 -17.11
CA ALA A 242 -7.58 -29.19 -17.83
C ALA A 242 -9.01 -29.33 -17.36
N GLU A 243 -9.30 -29.00 -16.10
CA GLU A 243 -10.67 -29.10 -15.62
C GLU A 243 -11.50 -27.88 -15.96
N VAL A 244 -10.95 -26.67 -15.76
CA VAL A 244 -11.63 -25.46 -16.22
C VAL A 244 -11.73 -25.41 -17.74
N GLN A 245 -11.11 -26.35 -18.43
CA GLN A 245 -11.11 -26.42 -19.88
C GLN A 245 -10.56 -25.14 -20.48
N ALA A 246 -9.42 -24.70 -19.97
CA ALA A 246 -8.76 -23.53 -20.50
C ALA A 246 -8.30 -23.80 -21.93
N ASP A 247 -7.98 -22.72 -22.63
CA ASP A 247 -7.55 -22.83 -24.02
C ASP A 247 -6.04 -22.91 -24.15
N LEU A 248 -5.32 -22.19 -23.30
CA LEU A 248 -3.88 -22.10 -23.39
C LEU A 248 -3.30 -22.20 -21.99
N LEU A 249 -2.14 -22.84 -21.89
CA LEU A 249 -1.44 -23.00 -20.62
C LEU A 249 0.00 -22.57 -20.81
N ILE A 250 0.41 -21.51 -20.14
CA ILE A 250 1.72 -20.91 -20.31
C ILE A 250 2.53 -21.19 -19.05
N LEU A 251 3.54 -22.03 -19.17
CA LEU A 251 4.41 -22.37 -18.04
C LEU A 251 5.66 -21.51 -18.14
N MET A 252 5.76 -20.49 -17.29
CA MET A 252 6.89 -19.58 -17.31
C MET A 252 7.99 -20.14 -16.43
N SER A 253 8.80 -21.01 -17.00
CA SER A 253 9.96 -21.56 -16.29
C SER A 253 11.08 -20.53 -16.32
N ASP A 254 12.29 -20.94 -15.97
CA ASP A 254 13.45 -20.06 -16.02
C ASP A 254 14.44 -20.43 -17.11
N VAL A 255 14.14 -21.46 -17.90
CA VAL A 255 14.97 -21.87 -19.01
C VAL A 255 14.27 -21.48 -20.31
N ASP A 256 15.05 -21.30 -21.37
CA ASP A 256 14.52 -20.76 -22.62
C ASP A 256 13.46 -21.62 -23.27
N GLY A 257 13.27 -22.86 -22.82
CA GLY A 257 12.33 -23.75 -23.48
C GLY A 257 12.61 -25.19 -23.16
N ILE A 258 12.74 -26.03 -24.19
CA ILE A 258 13.05 -27.44 -24.01
C ILE A 258 14.05 -27.85 -25.08
N TYR A 259 15.21 -28.32 -24.65
CA TYR A 259 16.27 -28.72 -25.57
C TYR A 259 16.24 -30.22 -25.79
N ASN A 260 16.91 -30.67 -26.84
CA ASN A 260 17.01 -32.10 -27.10
C ASN A 260 17.99 -32.76 -26.14
N LYS A 261 19.15 -32.15 -25.94
CA LYS A 261 20.12 -32.52 -24.93
C LYS A 261 20.36 -31.35 -24.00
N PRO A 262 20.80 -31.59 -22.76
CA PRO A 262 20.96 -30.50 -21.80
C PRO A 262 21.83 -29.39 -22.37
N PRO A 263 21.66 -28.15 -21.89
CA PRO A 263 22.33 -27.00 -22.52
C PRO A 263 23.84 -27.09 -22.51
N TRP A 264 24.45 -27.73 -21.52
CA TRP A 264 25.90 -27.78 -21.39
C TRP A 264 26.51 -28.92 -22.20
N GLU A 265 26.17 -28.99 -23.48
CA GLU A 265 26.70 -30.03 -24.36
C GLU A 265 26.78 -29.47 -25.77
N ASP A 266 27.03 -30.35 -26.74
CA ASP A 266 27.14 -29.99 -28.15
C ASP A 266 25.95 -30.57 -28.88
N GLY A 267 24.99 -29.72 -29.24
CA GLY A 267 23.75 -30.15 -29.86
C GLY A 267 22.56 -29.71 -29.04
N ALA A 268 22.74 -28.65 -28.25
CA ALA A 268 21.71 -28.16 -27.35
C ALA A 268 20.79 -27.18 -28.08
N LYS A 269 20.14 -27.68 -29.13
CA LYS A 269 19.20 -26.88 -29.88
C LYS A 269 17.89 -26.77 -29.12
N LEU A 270 17.17 -25.68 -29.37
CA LEU A 270 15.85 -25.48 -28.80
C LEU A 270 14.81 -26.13 -29.70
N MET A 271 13.77 -26.68 -29.09
CA MET A 271 12.70 -27.34 -29.84
C MET A 271 11.50 -26.41 -29.88
N HIS A 272 11.29 -25.77 -31.03
CA HIS A 272 10.21 -24.81 -31.16
C HIS A 272 8.85 -25.47 -31.32
N THR A 273 8.79 -26.80 -31.44
CA THR A 273 7.50 -27.49 -31.52
C THR A 273 7.73 -28.93 -31.09
N TYR A 274 7.24 -29.26 -29.90
CA TYR A 274 7.35 -30.61 -29.38
C TYR A 274 6.26 -31.48 -30.00
N THR A 275 6.61 -32.22 -31.05
CA THR A 275 5.70 -33.12 -31.71
C THR A 275 5.40 -34.29 -30.78
N SER A 276 4.13 -34.68 -30.69
CA SER A 276 3.75 -35.78 -29.84
C SER A 276 4.16 -37.11 -30.44
N MET A 295 13.19 -30.82 -15.46
CA MET A 295 12.25 -30.52 -16.53
C MET A 295 11.39 -31.73 -16.87
N ASP A 296 11.70 -32.87 -16.26
CA ASP A 296 10.87 -34.04 -16.50
C ASP A 296 9.47 -33.85 -15.92
N SER A 297 9.36 -33.14 -14.79
CA SER A 297 8.03 -32.85 -14.25
C SER A 297 7.25 -31.94 -15.19
N LYS A 298 7.88 -30.91 -15.72
CA LYS A 298 7.19 -30.01 -16.65
C LYS A 298 6.78 -30.75 -17.91
N VAL A 299 7.65 -31.60 -18.45
CA VAL A 299 7.29 -32.34 -19.65
C VAL A 299 6.13 -33.28 -19.37
N LYS A 300 6.16 -33.98 -18.23
CA LYS A 300 5.07 -34.90 -17.93
C LYS A 300 3.75 -34.16 -17.78
N ALA A 301 3.73 -33.08 -17.01
CA ALA A 301 2.50 -32.32 -16.83
C ALA A 301 2.01 -31.74 -18.15
N ALA A 302 2.93 -31.27 -19.00
CA ALA A 302 2.52 -30.69 -20.27
C ALA A 302 1.93 -31.75 -21.20
N THR A 303 2.58 -32.92 -21.29
CA THR A 303 2.00 -33.96 -22.13
C THR A 303 0.65 -34.40 -21.62
N TRP A 304 0.50 -34.52 -20.30
CA TRP A 304 -0.81 -34.87 -19.75
C TRP A 304 -1.85 -33.83 -20.15
N ALA A 305 -1.62 -32.57 -19.79
CA ALA A 305 -2.58 -31.51 -20.10
C ALA A 305 -2.79 -31.36 -21.59
N LEU A 306 -1.89 -31.86 -22.43
CA LEU A 306 -2.11 -31.82 -23.86
C LEU A 306 -3.04 -32.93 -24.31
N ASP A 307 -2.90 -34.12 -23.73
CA ASP A 307 -3.81 -35.19 -24.09
C ASP A 307 -5.25 -34.90 -23.70
N ARG A 308 -5.50 -33.85 -22.92
CA ARG A 308 -6.82 -33.53 -22.41
C ARG A 308 -7.48 -32.36 -23.14
N GLY A 309 -6.83 -31.81 -24.16
CA GLY A 309 -7.44 -30.72 -24.89
C GLY A 309 -6.66 -29.42 -24.82
N VAL A 310 -6.09 -29.13 -23.66
CA VAL A 310 -5.31 -27.91 -23.52
C VAL A 310 -4.08 -27.97 -24.42
N SER A 311 -3.58 -26.80 -24.81
CA SER A 311 -2.35 -26.70 -25.58
C SER A 311 -1.36 -25.87 -24.78
N VAL A 312 -0.19 -26.44 -24.52
CA VAL A 312 0.75 -25.93 -23.54
C VAL A 312 1.92 -25.26 -24.23
N VAL A 313 2.33 -24.11 -23.72
CA VAL A 313 3.49 -23.37 -24.22
C VAL A 313 4.43 -23.14 -23.06
N ILE A 314 5.66 -23.62 -23.19
CA ILE A 314 6.69 -23.44 -22.17
C ILE A 314 7.63 -22.35 -22.63
N CYS A 315 7.73 -21.27 -21.87
CA CYS A 315 8.56 -20.15 -22.27
C CYS A 315 9.54 -19.78 -21.18
N ASN A 316 10.31 -18.73 -21.38
CA ASN A 316 11.32 -18.29 -20.44
C ASN A 316 10.82 -17.05 -19.70
N GLY A 317 10.67 -17.16 -18.39
CA GLY A 317 10.11 -16.07 -17.62
C GLY A 317 10.97 -14.83 -17.55
N MET A 318 12.28 -14.99 -17.75
CA MET A 318 13.22 -13.88 -17.67
C MET A 318 13.37 -13.15 -18.99
N GLN A 319 12.38 -13.26 -19.87
CA GLN A 319 12.36 -12.57 -21.14
C GLN A 319 11.39 -11.40 -21.07
N GLU A 320 11.70 -10.33 -21.80
CA GLU A 320 10.86 -9.15 -21.78
C GLU A 320 9.67 -9.33 -22.71
N LYS A 321 8.47 -9.07 -22.18
CA LYS A 321 7.22 -9.21 -22.93
C LYS A 321 7.09 -10.62 -23.50
N ALA A 322 6.95 -11.58 -22.60
CA ALA A 322 6.83 -12.97 -22.98
C ALA A 322 5.41 -13.37 -23.33
N ILE A 323 4.44 -13.04 -22.47
CA ILE A 323 3.06 -13.40 -22.74
C ILE A 323 2.55 -12.67 -23.96
N LYS A 324 2.87 -11.38 -24.09
CA LYS A 324 2.35 -10.60 -25.19
C LYS A 324 2.94 -11.00 -26.53
N THR A 325 4.05 -11.70 -26.55
CA THR A 325 4.57 -12.21 -27.80
C THR A 325 4.27 -13.68 -28.03
N ILE A 326 3.91 -14.41 -26.98
CA ILE A 326 3.40 -15.77 -27.18
C ILE A 326 2.00 -15.70 -27.77
N ILE A 327 1.12 -14.91 -27.17
CA ILE A 327 -0.22 -14.75 -27.70
C ILE A 327 -0.18 -14.03 -29.04
N GLY A 328 0.80 -13.16 -29.25
CA GLY A 328 0.91 -12.48 -30.52
C GLY A 328 1.16 -13.40 -31.69
N GLY A 329 1.74 -14.58 -31.43
CA GLY A 329 2.01 -15.55 -32.47
C GLY A 329 3.47 -15.68 -32.82
N ARG A 330 4.35 -14.84 -32.29
CA ARG A 330 5.76 -14.93 -32.61
C ARG A 330 6.35 -16.19 -32.00
N LYS A 331 7.45 -16.64 -32.58
CA LYS A 331 8.08 -17.91 -32.20
C LYS A 331 8.83 -17.72 -30.89
N VAL A 332 8.26 -18.21 -29.80
CA VAL A 332 8.84 -18.08 -28.47
C VAL A 332 8.56 -19.36 -27.70
N GLY A 333 9.60 -19.97 -27.15
CA GLY A 333 9.41 -21.14 -26.31
C GLY A 333 9.07 -22.39 -27.08
N THR A 334 8.59 -23.38 -26.36
CA THR A 334 8.18 -24.66 -26.94
C THR A 334 6.66 -24.76 -26.91
N PHE A 335 6.08 -25.24 -28.00
CA PHE A 335 4.64 -25.32 -28.17
C PHE A 335 4.24 -26.77 -28.31
N PHE A 336 3.60 -27.32 -27.28
CA PHE A 336 3.24 -28.73 -27.24
C PHE A 336 1.98 -28.96 -28.04
N THR A 337 2.10 -29.55 -29.22
CA THR A 337 0.94 -29.85 -30.03
C THR A 337 1.11 -31.20 -30.69
N GLU A 338 0.07 -31.63 -31.41
CA GLU A 338 0.10 -32.90 -32.10
C GLU A 338 1.08 -32.88 -33.26
N GLN B 115 28.41 -1.94 30.66
CA GLN B 115 28.47 -2.44 29.28
C GLN B 115 27.70 -3.74 29.14
N GLU B 116 27.94 -4.67 30.06
CA GLU B 116 27.40 -6.02 29.96
C GLU B 116 25.88 -6.05 29.98
N LEU B 117 25.22 -4.91 30.10
CA LEU B 117 23.79 -4.82 29.83
C LEU B 117 23.51 -4.31 28.42
N LEU B 118 24.37 -3.46 27.88
CA LEU B 118 24.20 -3.04 26.50
C LEU B 118 24.66 -4.11 25.52
N MET B 119 25.43 -5.08 25.98
CA MET B 119 25.95 -6.15 25.14
C MET B 119 25.17 -7.44 25.31
N SER B 120 23.95 -7.37 25.84
CA SER B 120 23.10 -8.55 26.00
C SER B 120 21.66 -8.23 25.66
N LEU B 121 21.45 -7.20 24.85
CA LEU B 121 20.13 -6.90 24.32
C LEU B 121 20.00 -7.44 22.91
N SER B 122 18.78 -7.79 22.53
CA SER B 122 18.55 -8.21 21.17
C SER B 122 18.77 -7.04 20.23
N MET B 123 19.28 -7.34 19.03
CA MET B 123 19.53 -6.29 18.06
C MET B 123 18.29 -5.51 17.67
N ARG B 124 17.12 -5.94 18.14
CA ARG B 124 15.90 -5.17 17.92
C ARG B 124 15.66 -4.14 19.01
N GLU B 125 15.98 -4.48 20.26
CA GLU B 125 15.83 -3.52 21.34
C GLU B 125 16.84 -2.39 21.23
N THR B 126 18.04 -2.67 20.71
CA THR B 126 19.04 -1.63 20.56
C THR B 126 18.57 -0.56 19.59
N LEU B 127 17.91 -0.95 18.51
CA LEU B 127 17.42 0.00 17.52
C LEU B 127 16.17 0.75 17.97
N ASN B 128 15.71 0.53 19.19
CA ASN B 128 14.54 1.24 19.72
C ASN B 128 14.85 1.93 21.04
N PRO C 45 -22.46 35.52 8.56
CA PRO C 45 -22.34 34.10 8.25
C PRO C 45 -23.68 33.49 7.88
N THR C 46 -23.66 32.27 7.37
CA THR C 46 -24.89 31.62 6.94
C THR C 46 -25.48 30.69 7.99
N PHE C 47 -24.69 30.28 8.97
CA PHE C 47 -25.14 29.38 10.03
C PHE C 47 -24.98 30.09 11.36
N THR C 48 -26.08 30.23 12.09
CA THR C 48 -26.06 30.91 13.37
C THR C 48 -26.24 29.98 14.55
N GLU C 49 -27.25 29.11 14.53
CA GLU C 49 -27.42 28.12 15.58
C GLU C 49 -26.85 26.79 15.13
N ARG C 50 -26.49 25.95 16.09
CA ARG C 50 -25.78 24.72 15.79
C ARG C 50 -26.63 23.67 15.11
N SER C 51 -27.96 23.81 15.13
CA SER C 51 -28.81 22.82 14.50
C SER C 51 -28.78 22.87 12.99
N GLN C 52 -28.19 23.91 12.40
CA GLN C 52 -28.21 24.09 10.96
C GLN C 52 -26.98 23.53 10.28
N LEU C 53 -26.06 22.93 11.02
CA LEU C 53 -24.83 22.44 10.39
C LEU C 53 -25.08 21.19 9.56
N LYS C 54 -26.29 20.64 9.56
CA LYS C 54 -26.54 19.48 8.72
C LYS C 54 -26.46 19.84 7.24
N TYR C 55 -26.76 21.09 6.89
CA TYR C 55 -26.77 21.54 5.51
C TYR C 55 -25.46 22.17 5.10
N ALA C 56 -24.39 21.91 5.83
CA ALA C 56 -23.07 22.42 5.46
C ALA C 56 -22.62 21.73 4.19
N ARG C 57 -22.50 22.48 3.11
CA ARG C 57 -22.19 21.91 1.82
C ARG C 57 -20.70 21.81 1.54
N ARG C 58 -19.91 22.75 2.04
CA ARG C 58 -18.47 22.77 1.81
C ARG C 58 -17.76 22.81 3.14
N LEU C 59 -16.96 21.77 3.42
CA LEU C 59 -16.18 21.68 4.64
C LEU C 59 -14.73 21.98 4.37
N VAL C 60 -14.01 22.37 5.43
CA VAL C 60 -12.56 22.43 5.43
C VAL C 60 -12.11 21.93 6.78
N VAL C 61 -11.52 20.74 6.82
CA VAL C 61 -11.16 20.06 8.06
C VAL C 61 -9.67 20.19 8.26
N LYS C 62 -9.26 20.79 9.36
CA LYS C 62 -7.84 21.01 9.63
C LYS C 62 -7.38 20.04 10.71
N LEU C 63 -6.52 19.11 10.33
CA LEU C 63 -5.98 18.14 11.27
C LEU C 63 -4.74 18.70 11.94
N GLY C 64 -4.79 18.87 13.26
CA GLY C 64 -3.63 19.34 13.99
C GLY C 64 -2.47 18.37 13.88
N SER C 65 -1.38 18.74 14.53
CA SER C 65 -0.20 17.88 14.56
C SER C 65 -0.18 16.98 15.78
N ALA C 66 -1.00 17.24 16.78
CA ALA C 66 -1.15 16.34 17.91
C ALA C 66 -2.25 15.31 17.69
N VAL C 67 -2.98 15.41 16.58
CA VAL C 67 -3.98 14.41 16.22
C VAL C 67 -3.40 13.35 15.29
N ILE C 68 -2.14 13.46 14.90
CA ILE C 68 -1.53 12.53 13.96
C ILE C 68 -0.49 11.66 14.63
N THR C 69 0.37 12.21 15.46
CA THR C 69 1.42 11.46 16.12
C THR C 69 1.06 11.18 17.56
N ARG C 70 1.59 10.08 18.08
CA ARG C 70 1.30 9.66 19.44
C ARG C 70 2.15 10.42 20.45
N GLU C 71 1.81 10.27 21.73
CA GLU C 71 2.52 11.02 22.76
C GLU C 71 3.90 10.43 23.05
N ASP C 72 4.05 9.12 22.89
CA ASP C 72 5.36 8.51 23.10
C ASP C 72 6.26 8.66 21.89
N ASN C 73 5.74 9.09 20.75
CA ASN C 73 6.51 9.29 19.53
C ASN C 73 7.17 8.00 19.07
N HIS C 74 6.35 6.98 18.82
CA HIS C 74 6.82 5.71 18.29
C HIS C 74 5.91 5.25 17.17
N GLY C 75 5.51 6.17 16.31
CA GLY C 75 4.71 5.88 15.15
C GLY C 75 3.54 6.84 15.05
N LEU C 76 2.69 6.59 14.07
CA LEU C 76 1.49 7.39 13.89
C LEU C 76 0.42 6.94 14.87
N ALA C 77 -0.62 7.75 14.98
CA ALA C 77 -1.81 7.38 15.73
C ALA C 77 -2.82 6.89 14.71
N LEU C 78 -2.71 5.63 14.31
CA LEU C 78 -3.60 5.11 13.29
C LEU C 78 -5.05 5.11 13.74
N GLY C 79 -5.29 5.06 15.04
CA GLY C 79 -6.66 5.15 15.52
C GLY C 79 -7.33 6.43 15.10
N ARG C 80 -6.80 7.56 15.57
CA ARG C 80 -7.40 8.85 15.26
C ARG C 80 -7.33 9.14 13.77
N LEU C 81 -6.20 8.85 13.15
CA LEU C 81 -6.05 9.13 11.72
C LEU C 81 -7.08 8.38 10.89
N ALA C 82 -7.21 7.07 11.13
CA ALA C 82 -8.15 6.30 10.34
C ALA C 82 -9.59 6.66 10.67
N SER C 83 -9.88 7.05 11.92
CA SER C 83 -11.25 7.45 12.22
C SER C 83 -11.61 8.75 11.52
N ILE C 84 -10.68 9.69 11.44
CA ILE C 84 -10.97 10.94 10.75
C ILE C 84 -11.09 10.70 9.25
N VAL C 85 -10.25 9.82 8.69
CA VAL C 85 -10.38 9.51 7.28
C VAL C 85 -11.70 8.82 6.99
N GLU C 86 -12.15 7.95 7.89
CA GLU C 86 -13.44 7.31 7.71
C GLU C 86 -14.58 8.31 7.76
N GLN C 87 -14.55 9.24 8.70
CA GLN C 87 -15.61 10.24 8.77
C GLN C 87 -15.60 11.16 7.56
N VAL C 88 -14.42 11.55 7.09
CA VAL C 88 -14.37 12.42 5.91
C VAL C 88 -14.83 11.67 4.67
N ALA C 89 -14.48 10.40 4.53
CA ALA C 89 -14.94 9.66 3.36
C ALA C 89 -16.44 9.43 3.41
N GLU C 90 -17.01 9.22 4.59
CA GLU C 90 -18.46 9.05 4.64
C GLU C 90 -19.21 10.38 4.64
N CYS C 91 -18.53 11.50 4.83
CA CYS C 91 -19.14 12.81 4.60
C CYS C 91 -18.89 13.33 3.20
N HIS C 92 -18.00 12.69 2.45
CA HIS C 92 -17.74 13.08 1.07
C HIS C 92 -18.45 12.18 0.08
N LEU C 93 -18.74 10.93 0.46
CA LEU C 93 -19.61 10.09 -0.33
C LEU C 93 -21.07 10.35 -0.05
N GLU C 94 -21.37 11.49 0.56
CA GLU C 94 -22.73 11.89 0.87
C GLU C 94 -23.15 13.16 0.15
N GLY C 95 -22.26 13.76 -0.63
CA GLY C 95 -22.56 14.95 -1.39
C GLY C 95 -21.73 16.16 -1.03
N ARG C 96 -21.17 16.21 0.18
CA ARG C 96 -20.40 17.37 0.58
C ARG C 96 -19.09 17.44 -0.19
N GLU C 97 -18.34 18.51 0.03
CA GLU C 97 -17.10 18.77 -0.67
C GLU C 97 -16.02 19.03 0.37
N VAL C 98 -15.40 17.98 0.85
CA VAL C 98 -14.44 18.11 1.94
C VAL C 98 -13.07 18.44 1.36
N MET C 99 -12.26 19.12 2.15
CA MET C 99 -10.94 19.55 1.72
C MET C 99 -10.07 19.66 2.95
N MET C 100 -9.13 18.75 3.12
CA MET C 100 -8.38 18.63 4.36
C MET C 100 -7.12 19.47 4.31
N VAL C 101 -6.80 20.11 5.43
CA VAL C 101 -5.56 20.85 5.57
C VAL C 101 -4.71 20.13 6.59
N THR C 102 -3.89 19.19 6.14
CA THR C 102 -3.19 18.31 7.05
C THR C 102 -2.00 19.02 7.66
N SER C 103 -1.43 18.40 8.68
CA SER C 103 -0.22 18.91 9.33
C SER C 103 0.62 17.74 9.79
N GLY C 104 1.60 17.99 10.63
CA GLY C 104 2.32 16.89 11.22
C GLY C 104 3.19 16.12 10.28
N ALA C 105 3.69 16.76 9.22
CA ALA C 105 4.73 16.13 8.43
C ALA C 105 6.07 16.21 9.10
N VAL C 106 6.33 17.27 9.86
CA VAL C 106 7.62 17.43 10.53
C VAL C 106 7.78 16.41 11.64
N ALA C 107 6.72 16.14 12.41
CA ALA C 107 6.85 15.18 13.50
C ALA C 107 7.08 13.77 12.98
N PHE C 108 6.26 13.35 12.01
CA PHE C 108 6.45 12.04 11.39
C PHE C 108 7.84 11.92 10.76
N GLY C 109 8.29 12.97 10.09
CA GLY C 109 9.62 12.94 9.53
C GLY C 109 10.69 12.84 10.58
N LYS C 110 10.51 13.52 11.71
CA LYS C 110 11.51 13.43 12.77
C LYS C 110 11.62 12.01 13.29
N GLN C 111 10.49 11.31 13.42
CA GLN C 111 10.56 9.91 13.82
C GLN C 111 11.33 9.08 12.80
N LYS C 112 10.98 9.21 11.52
CA LYS C 112 11.65 8.41 10.51
C LYS C 112 13.16 8.71 10.45
N LEU C 113 13.53 9.97 10.64
CA LEU C 113 14.94 10.32 10.58
C LEU C 113 15.68 9.86 11.82
N ALA C 114 15.04 9.89 12.98
CA ALA C 114 15.69 9.32 14.17
C ALA C 114 15.98 7.84 13.96
N GLN C 115 15.03 7.11 13.39
CA GLN C 115 15.30 5.70 13.11
C GLN C 115 16.46 5.54 12.12
N GLU C 116 16.41 6.25 11.00
CA GLU C 116 17.45 6.06 9.98
C GLU C 116 18.80 6.59 10.42
N LEU C 117 18.85 7.43 11.44
CA LEU C 117 20.14 7.84 11.99
C LEU C 117 20.65 6.86 13.02
N LEU C 118 19.76 6.28 13.82
CA LEU C 118 20.19 5.27 14.77
C LEU C 118 20.63 3.99 14.08
N MET C 119 20.11 3.71 12.90
CA MET C 119 20.49 2.52 12.14
C MET C 119 21.70 2.73 11.26
N SER C 120 22.53 3.73 11.56
CA SER C 120 23.68 4.01 10.72
C SER C 120 24.94 4.32 11.53
N LEU C 121 24.93 4.07 12.83
CA LEU C 121 26.12 4.21 13.63
C LEU C 121 26.95 2.93 13.55
N SER C 122 28.22 3.06 13.90
CA SER C 122 29.07 1.89 13.95
C SER C 122 28.70 1.04 15.17
N MET C 123 29.05 -0.24 15.10
CA MET C 123 28.81 -1.12 16.24
C MET C 123 29.58 -0.66 17.46
N ARG C 124 30.60 0.18 17.29
CA ARG C 124 31.35 0.64 18.44
C ARG C 124 30.64 1.80 19.13
N GLU C 125 30.05 2.71 18.36
CA GLU C 125 29.36 3.85 18.96
C GLU C 125 28.03 3.44 19.58
N THR C 126 27.42 2.37 19.08
CA THR C 126 26.17 1.91 19.67
C THR C 126 26.39 1.38 21.09
N LEU C 127 27.51 0.70 21.32
CA LEU C 127 27.76 0.07 22.61
C LEU C 127 28.13 1.06 23.70
N ASN C 128 28.07 2.37 23.44
CA ASN C 128 28.26 3.36 24.50
C ASN C 128 27.81 4.74 24.04
N LEU C 140 18.51 16.87 14.23
CA LEU C 140 17.55 16.55 13.16
C LEU C 140 17.05 17.83 12.52
N GLU C 141 17.36 17.99 11.24
CA GLU C 141 16.99 19.21 10.54
C GLU C 141 15.48 19.22 10.29
N PRO C 142 14.83 20.38 10.40
CA PRO C 142 13.38 20.41 10.12
C PRO C 142 13.04 20.16 8.67
N ARG C 143 13.90 20.55 7.74
CA ARG C 143 13.55 20.44 6.33
C ARG C 143 13.60 19.00 5.84
N ALA C 144 14.65 18.26 6.19
CA ALA C 144 14.71 16.86 5.80
C ALA C 144 13.59 16.07 6.47
N ALA C 145 13.32 16.35 7.73
CA ALA C 145 12.19 15.73 8.40
C ALA C 145 10.90 16.01 7.65
N ALA C 146 10.72 17.26 7.21
CA ALA C 146 9.50 17.60 6.49
C ALA C 146 9.38 16.81 5.20
N ALA C 147 10.48 16.66 4.47
CA ALA C 147 10.43 15.89 3.22
C ALA C 147 9.99 14.46 3.48
N VAL C 148 10.71 13.76 4.37
CA VAL C 148 10.39 12.36 4.63
C VAL C 148 8.96 12.21 5.14
N GLY C 149 8.55 13.09 6.04
CA GLY C 149 7.24 12.98 6.63
C GLY C 149 6.13 13.23 5.63
N GLN C 150 6.32 14.20 4.74
CA GLN C 150 5.29 14.48 3.74
C GLN C 150 5.09 13.28 2.84
N SER C 151 6.20 12.68 2.37
CA SER C 151 6.03 11.50 1.53
C SER C 151 5.28 10.39 2.26
N GLY C 152 5.71 10.07 3.48
CA GLY C 152 5.08 8.97 4.20
C GLY C 152 3.62 9.22 4.50
N LEU C 153 3.29 10.45 4.89
CA LEU C 153 1.92 10.78 5.24
C LEU C 153 1.01 10.72 4.02
N MET C 154 1.47 11.22 2.87
CA MET C 154 0.64 11.15 1.68
C MET C 154 0.42 9.71 1.26
N SER C 155 1.44 8.85 1.40
CA SER C 155 1.23 7.45 1.07
C SER C 155 0.17 6.82 1.98
N LEU C 156 0.22 7.12 3.27
CA LEU C 156 -0.76 6.54 4.18
C LEU C 156 -2.17 7.04 3.89
N TYR C 157 -2.33 8.34 3.69
CA TYR C 157 -3.63 8.88 3.30
C TYR C 157 -4.14 8.22 2.03
N ASP C 158 -3.26 8.02 1.06
CA ASP C 158 -3.67 7.40 -0.19
C ASP C 158 -4.25 6.03 0.05
N ALA C 159 -3.56 5.20 0.84
CA ALA C 159 -4.07 3.86 1.11
C ALA C 159 -5.41 3.92 1.83
N MET C 160 -5.48 4.69 2.91
CA MET C 160 -6.70 4.72 3.73
C MET C 160 -7.89 5.24 2.94
N PHE C 161 -7.67 6.21 2.05
CA PHE C 161 -8.78 6.75 1.29
C PHE C 161 -9.18 5.83 0.17
N ALA C 162 -8.22 5.22 -0.52
CA ALA C 162 -8.56 4.27 -1.57
C ALA C 162 -9.30 3.07 -1.01
N GLN C 163 -9.20 2.82 0.29
CA GLN C 163 -10.06 1.79 0.88
C GLN C 163 -11.55 2.11 0.75
N TYR C 164 -11.90 3.36 0.41
CA TYR C 164 -13.29 3.78 0.31
C TYR C 164 -13.67 4.20 -1.09
N GLY C 165 -12.79 4.03 -2.07
CA GLY C 165 -13.05 4.48 -3.41
C GLY C 165 -12.79 5.94 -3.66
N VAL C 166 -12.39 6.69 -2.64
CA VAL C 166 -12.14 8.12 -2.77
C VAL C 166 -10.72 8.34 -3.27
N LYS C 167 -10.53 9.41 -4.02
CA LYS C 167 -9.24 9.77 -4.56
C LYS C 167 -8.76 11.06 -3.91
N ILE C 168 -7.45 11.22 -3.79
CA ILE C 168 -6.88 12.38 -3.13
C ILE C 168 -5.87 13.05 -4.04
N ALA C 169 -5.54 14.29 -3.70
CA ALA C 169 -4.56 15.07 -4.43
C ALA C 169 -3.77 15.89 -3.43
N GLN C 170 -2.51 16.14 -3.75
CA GLN C 170 -1.59 16.78 -2.82
C GLN C 170 -1.17 18.13 -3.38
N VAL C 171 -1.70 19.20 -2.81
CA VAL C 171 -1.37 20.56 -3.21
C VAL C 171 -0.49 21.16 -2.13
N LEU C 172 0.71 21.60 -2.49
CA LEU C 172 1.68 22.15 -1.55
C LEU C 172 1.89 23.62 -1.85
N VAL C 173 1.50 24.48 -0.92
CA VAL C 173 1.58 25.93 -1.09
C VAL C 173 2.71 26.46 -0.21
N THR C 174 3.04 27.74 -0.43
CA THR C 174 4.03 28.41 0.40
C THR C 174 3.55 29.77 0.85
N LYS C 175 4.42 30.57 1.44
CA LYS C 175 4.03 31.90 1.85
C LYS C 175 4.02 32.88 0.67
N PRO C 176 4.99 32.85 -0.25
CA PRO C 176 4.92 33.78 -1.40
C PRO C 176 3.86 33.45 -2.42
N ASP C 177 3.27 32.26 -2.40
CA ASP C 177 2.20 31.95 -3.33
C ASP C 177 0.89 32.60 -2.97
N PHE C 178 0.83 33.35 -1.87
CA PHE C 178 -0.38 34.06 -1.48
C PHE C 178 -0.24 35.57 -1.61
N TYR C 179 0.81 36.03 -2.28
CA TYR C 179 0.97 37.44 -2.60
C TYR C 179 0.86 37.72 -4.08
N ASN C 180 1.37 36.83 -4.92
CA ASN C 180 1.18 36.95 -6.35
C ASN C 180 -0.27 36.72 -6.71
N GLU C 181 -0.95 37.77 -7.16
CA GLU C 181 -2.37 37.63 -7.51
C GLU C 181 -2.57 36.57 -8.58
N GLU C 182 -1.64 36.48 -9.52
CA GLU C 182 -1.75 35.45 -10.54
C GLU C 182 -1.67 34.06 -9.93
N THR C 183 -0.69 33.85 -9.05
CA THR C 183 -0.54 32.54 -8.43
C THR C 183 -1.70 32.22 -7.50
N ARG C 184 -2.22 33.22 -6.79
CA ARG C 184 -3.35 32.96 -5.91
C ARG C 184 -4.59 32.58 -6.69
N ASN C 185 -4.88 33.31 -7.77
CA ASN C 185 -6.04 32.98 -8.58
C ASN C 185 -5.88 31.61 -9.24
N ASN C 186 -4.67 31.28 -9.69
CA ASN C 186 -4.46 29.96 -10.27
C ASN C 186 -4.66 28.87 -9.23
N LEU C 187 -4.17 29.09 -8.01
CA LEU C 187 -4.34 28.10 -6.96
C LEU C 187 -5.81 27.87 -6.67
N PHE C 188 -6.60 28.92 -6.61
CA PHE C 188 -8.01 28.72 -6.27
C PHE C 188 -8.79 28.13 -7.43
N CYS C 189 -8.44 28.46 -8.67
CA CYS C 189 -9.05 27.75 -9.79
C CYS C 189 -8.73 26.27 -9.74
N THR C 190 -7.48 25.93 -9.38
CA THR C 190 -7.10 24.53 -9.26
C THR C 190 -7.91 23.83 -8.18
N LEU C 191 -8.05 24.47 -7.03
CA LEU C 191 -8.79 23.85 -5.93
C LEU C 191 -10.24 23.64 -6.31
N SER C 192 -10.88 24.63 -6.92
CA SER C 192 -12.28 24.48 -7.31
C SER C 192 -12.43 23.40 -8.36
N GLU C 193 -11.48 23.31 -9.29
CA GLU C 193 -11.58 22.27 -10.31
C GLU C 193 -11.38 20.88 -9.72
N LEU C 194 -10.51 20.74 -8.73
CA LEU C 194 -10.33 19.45 -8.09
C LEU C 194 -11.54 19.05 -7.28
N ILE C 195 -12.16 20.02 -6.60
CA ILE C 195 -13.33 19.73 -5.79
C ILE C 195 -14.51 19.33 -6.67
N SER C 196 -14.65 19.96 -7.84
CA SER C 196 -15.78 19.65 -8.69
C SER C 196 -15.63 18.34 -9.44
N LEU C 197 -14.59 17.54 -9.17
CA LEU C 197 -14.44 16.22 -9.76
C LEU C 197 -14.52 15.13 -8.71
N ASN C 198 -15.01 15.45 -7.53
CA ASN C 198 -15.06 14.51 -6.42
C ASN C 198 -13.68 13.93 -6.11
N ILE C 199 -12.75 14.85 -5.83
CA ILE C 199 -11.39 14.53 -5.41
C ILE C 199 -11.11 15.35 -4.17
N VAL C 200 -10.51 14.72 -3.16
CA VAL C 200 -10.26 15.38 -1.89
C VAL C 200 -8.87 15.98 -1.87
N PRO C 201 -8.69 17.28 -2.10
CA PRO C 201 -7.36 17.86 -2.04
C PRO C 201 -6.88 17.90 -0.60
N ILE C 202 -5.57 17.84 -0.43
CA ILE C 202 -4.95 17.81 0.89
C ILE C 202 -3.85 18.86 0.90
N ILE C 203 -4.15 20.03 1.41
CA ILE C 203 -3.27 21.18 1.34
C ILE C 203 -2.28 21.13 2.50
N ASN C 204 -1.06 21.57 2.25
CA ASN C 204 -0.05 21.68 3.30
C ASN C 204 1.05 22.59 2.79
N THR C 205 1.73 23.25 3.72
CA THR C 205 2.79 24.16 3.35
C THR C 205 4.04 23.39 2.96
N ASN C 206 4.76 23.90 1.96
CA ASN C 206 5.95 23.23 1.44
C ASN C 206 7.07 23.41 2.45
N ASP C 207 7.04 22.57 3.48
CA ASP C 207 8.04 22.70 4.54
C ASP C 207 9.40 22.21 4.11
N ALA C 208 9.48 21.47 3.01
CA ALA C 208 10.74 20.84 2.63
C ALA C 208 11.76 21.85 2.14
N VAL C 209 11.33 22.84 1.37
CA VAL C 209 12.24 23.80 0.77
C VAL C 209 12.04 25.21 1.26
N SER C 210 10.92 25.53 1.90
CA SER C 210 10.71 26.88 2.38
C SER C 210 9.65 26.90 3.47
N PRO C 211 9.98 26.53 4.70
CA PRO C 211 9.00 26.49 5.77
C PRO C 211 8.56 27.89 6.14
N PRO C 212 7.26 28.11 6.34
CA PRO C 212 6.78 29.47 6.60
C PRO C 212 7.03 29.94 8.01
N MET C 213 7.29 29.04 8.97
CA MET C 213 7.51 29.47 10.35
C MET C 213 8.74 30.35 10.46
N PHE C 214 9.73 30.13 9.60
CA PHE C 214 10.97 30.89 9.66
C PHE C 214 11.11 31.81 8.45
N ILE C 228 -4.43 38.13 6.27
CA ILE C 228 -3.98 37.42 7.46
C ILE C 228 -2.60 36.82 7.22
N PRO C 229 -1.67 37.11 8.12
CA PRO C 229 -0.31 36.61 7.94
C PRO C 229 -0.20 35.10 8.13
N ILE C 230 0.12 34.38 7.06
CA ILE C 230 0.20 32.93 7.12
C ILE C 230 1.45 32.51 7.89
N LYS C 231 1.28 32.14 9.16
CA LYS C 231 2.40 31.80 10.01
C LYS C 231 2.44 30.33 10.41
N ASP C 232 1.41 29.56 10.08
CA ASP C 232 1.35 28.16 10.48
C ASP C 232 0.39 27.44 9.55
N ASN C 233 -0.05 26.27 9.96
CA ASN C 233 -1.08 25.54 9.23
C ASN C 233 -2.46 25.80 9.80
N ASP C 234 -2.66 26.94 10.44
CA ASP C 234 -3.97 27.36 10.90
C ASP C 234 -4.45 28.62 10.20
N SER C 235 -3.62 29.66 10.16
CA SER C 235 -3.97 30.80 9.34
C SER C 235 -4.10 30.40 7.88
N LEU C 236 -3.35 29.39 7.45
CA LEU C 236 -3.54 28.87 6.10
C LEU C 236 -4.93 28.29 5.93
N SER C 237 -5.40 27.54 6.93
CA SER C 237 -6.74 26.98 6.82
C SER C 237 -7.81 28.05 6.83
N ALA C 238 -7.62 29.09 7.63
CA ALA C 238 -8.61 30.17 7.65
C ALA C 238 -8.64 30.90 6.32
N MET C 239 -7.48 31.26 5.80
CA MET C 239 -7.43 31.94 4.50
C MET C 239 -8.04 31.08 3.41
N LEU C 240 -7.71 29.79 3.39
CA LEU C 240 -8.28 28.87 2.42
C LEU C 240 -9.80 28.84 2.53
N ALA C 241 -10.32 28.47 3.70
CA ALA C 241 -11.76 28.34 3.85
C ALA C 241 -12.48 29.67 3.78
N ALA C 242 -11.78 30.79 3.74
CA ALA C 242 -12.46 32.05 3.47
C ALA C 242 -12.45 32.41 2.01
N GLU C 243 -11.45 31.97 1.25
CA GLU C 243 -11.42 32.29 -0.18
C GLU C 243 -12.27 31.33 -1.01
N VAL C 244 -12.17 30.03 -0.75
CA VAL C 244 -13.07 29.07 -1.38
C VAL C 244 -14.52 29.27 -0.94
N GLN C 245 -14.75 30.16 0.02
CA GLN C 245 -16.07 30.44 0.55
C GLN C 245 -16.73 29.17 1.08
N ALA C 246 -15.98 28.43 1.88
CA ALA C 246 -16.51 27.24 2.50
C ALA C 246 -17.62 27.61 3.48
N ASP C 247 -18.40 26.61 3.86
CA ASP C 247 -19.52 26.84 4.76
C ASP C 247 -19.13 26.60 6.22
N LEU C 248 -18.28 25.62 6.47
CA LEU C 248 -17.91 25.24 7.82
C LEU C 248 -16.41 25.00 7.87
N LEU C 249 -15.81 25.36 8.99
CA LEU C 249 -14.38 25.17 9.20
C LEU C 249 -14.18 24.47 10.54
N ILE C 250 -13.66 23.26 10.51
CA ILE C 250 -13.52 22.43 11.69
C ILE C 250 -12.04 22.33 12.03
N LEU C 251 -11.64 22.95 13.14
CA LEU C 251 -10.26 22.91 13.60
C LEU C 251 -10.13 21.83 14.64
N MET C 252 -9.53 20.70 14.27
CA MET C 252 -9.38 19.57 15.19
C MET C 252 -8.09 19.75 15.97
N SER C 253 -8.17 20.50 17.06
CA SER C 253 -7.03 20.67 17.96
C SER C 253 -6.92 19.44 18.84
N ASP C 254 -6.11 19.53 19.90
CA ASP C 254 -5.97 18.44 20.85
C ASP C 254 -6.59 18.75 22.21
N VAL C 255 -7.19 19.92 22.37
CA VAL C 255 -7.86 20.30 23.60
C VAL C 255 -9.36 20.28 23.35
N ASP C 256 -10.12 20.09 24.42
CA ASP C 256 -11.56 19.86 24.30
C ASP C 256 -12.32 21.03 23.68
N GLY C 257 -11.70 22.19 23.53
CA GLY C 257 -12.42 23.35 23.05
C GLY C 257 -11.72 24.64 23.40
N ILE C 258 -12.45 25.57 24.01
CA ILE C 258 -11.88 26.84 24.44
C ILE C 258 -12.46 27.17 25.81
N TYR C 259 -11.59 27.32 26.81
CA TYR C 259 -11.99 27.62 28.16
C TYR C 259 -11.89 29.11 28.43
N ASN C 260 -12.56 29.55 29.51
CA ASN C 260 -12.45 30.95 29.89
C ASN C 260 -11.11 31.23 30.56
N LYS C 261 -10.68 30.36 31.47
CA LYS C 261 -9.36 30.37 32.06
C LYS C 261 -8.68 29.03 31.78
N PRO C 262 -7.35 28.99 31.77
CA PRO C 262 -6.64 27.75 31.41
C PRO C 262 -7.11 26.57 32.24
N PRO C 263 -6.99 25.36 31.73
CA PRO C 263 -7.61 24.20 32.40
C PRO C 263 -7.10 23.94 33.81
N TRP C 264 -5.85 24.29 34.11
CA TRP C 264 -5.25 24.00 35.41
C TRP C 264 -5.55 25.09 36.43
N GLU C 265 -6.83 25.44 36.59
CA GLU C 265 -7.24 26.45 37.55
C GLU C 265 -8.64 26.10 38.03
N ASP C 266 -9.27 27.04 38.75
CA ASP C 266 -10.60 26.88 39.29
C ASP C 266 -11.55 27.81 38.55
N GLY C 267 -12.36 27.24 37.66
CA GLY C 267 -13.23 28.03 36.81
C GLY C 267 -12.96 27.73 35.34
N ALA C 268 -12.41 26.56 35.07
CA ALA C 268 -12.02 26.17 33.72
C ALA C 268 -13.20 25.53 32.98
N LYS C 269 -14.26 26.31 32.85
CA LYS C 269 -15.44 25.85 32.12
C LYS C 269 -15.18 25.91 30.62
N LEU C 270 -15.89 25.06 29.89
CA LEU C 270 -15.81 25.05 28.44
C LEU C 270 -16.85 26.03 27.89
N MET C 271 -16.48 26.73 26.82
CA MET C 271 -17.37 27.70 26.19
C MET C 271 -17.99 27.07 24.96
N HIS C 272 -19.27 26.71 25.06
CA HIS C 272 -19.95 26.06 23.96
C HIS C 272 -20.39 27.03 22.89
N THR C 273 -20.21 28.32 23.07
CA THR C 273 -20.56 29.29 22.04
C THR C 273 -19.76 30.55 22.29
N TYR C 274 -18.81 30.82 21.39
CA TYR C 274 -17.97 32.00 21.48
C TYR C 274 -18.70 33.19 20.88
N THR C 275 -19.49 33.87 21.70
CA THR C 275 -20.21 35.07 21.28
C THR C 275 -19.20 36.12 20.87
N SER C 276 -19.36 36.66 19.66
CA SER C 276 -18.35 37.52 19.05
C SER C 276 -17.99 38.72 19.91
N ASP C 277 -18.97 39.52 20.31
CA ASP C 277 -18.69 40.82 20.93
C ASP C 277 -17.88 40.71 22.22
N ASP C 278 -18.45 40.10 23.26
CA ASP C 278 -17.80 40.13 24.57
C ASP C 278 -16.59 39.23 24.61
N SER C 279 -16.72 38.00 24.10
CA SER C 279 -15.66 37.01 24.23
C SER C 279 -14.40 37.45 23.50
N ASN C 280 -14.53 38.37 22.54
CA ASN C 280 -13.35 38.92 21.88
C ASN C 280 -12.52 39.75 22.85
N SER C 281 -13.19 40.44 23.79
CA SER C 281 -12.47 41.30 24.72
C SER C 281 -11.83 40.50 25.85
N ILE C 282 -12.54 39.51 26.38
CA ILE C 282 -12.06 38.78 27.56
C ILE C 282 -11.90 37.29 27.26
N MET C 295 -3.22 28.78 22.03
CA MET C 295 -4.58 28.85 21.50
C MET C 295 -4.91 30.26 21.01
N ASP C 296 -4.00 31.20 21.25
CA ASP C 296 -4.23 32.55 20.74
C ASP C 296 -4.19 32.57 19.22
N SER C 297 -3.35 31.74 18.60
CA SER C 297 -3.34 31.66 17.15
C SER C 297 -4.65 31.10 16.61
N LYS C 298 -5.17 30.04 17.25
CA LYS C 298 -6.43 29.47 16.80
C LYS C 298 -7.57 30.46 16.98
N VAL C 299 -7.60 31.18 18.10
CA VAL C 299 -8.66 32.15 18.31
C VAL C 299 -8.57 33.27 17.29
N LYS C 300 -7.36 33.76 17.01
CA LYS C 300 -7.23 34.84 16.04
C LYS C 300 -7.68 34.39 14.65
N ALA C 301 -7.21 33.22 14.20
CA ALA C 301 -7.60 32.74 12.89
C ALA C 301 -9.10 32.47 12.82
N ALA C 302 -9.69 31.96 13.90
CA ALA C 302 -11.12 31.69 13.89
C ALA C 302 -11.93 32.97 13.84
N THR C 303 -11.57 33.97 14.64
CA THR C 303 -12.30 35.23 14.57
C THR C 303 -12.17 35.87 13.20
N TRP C 304 -10.97 35.82 12.61
CA TRP C 304 -10.81 36.35 11.26
C TRP C 304 -11.74 35.63 10.29
N ALA C 305 -11.60 34.31 10.18
CA ALA C 305 -12.43 33.55 9.25
C ALA C 305 -13.91 33.68 9.56
N LEU C 306 -14.28 34.09 10.77
CA LEU C 306 -15.68 34.31 11.08
C LEU C 306 -16.15 35.65 10.55
N ASP C 307 -15.32 36.67 10.65
CA ASP C 307 -15.71 37.96 10.09
C ASP C 307 -15.87 37.93 8.58
N ARG C 308 -15.47 36.86 7.92
CA ARG C 308 -15.49 36.75 6.47
C ARG C 308 -16.61 35.88 5.96
N GLY C 309 -17.48 35.36 6.82
CA GLY C 309 -18.58 34.55 6.37
C GLY C 309 -18.55 33.13 6.87
N VAL C 310 -17.36 32.54 6.93
CA VAL C 310 -17.23 31.17 7.41
C VAL C 310 -17.66 31.10 8.88
N SER C 311 -18.11 29.93 9.30
CA SER C 311 -18.45 29.68 10.70
C SER C 311 -17.57 28.55 11.20
N VAL C 312 -16.82 28.81 12.27
CA VAL C 312 -15.72 27.96 12.70
C VAL C 312 -16.13 27.17 13.94
N VAL C 313 -15.78 25.89 13.96
CA VAL C 313 -16.02 25.01 15.09
C VAL C 313 -14.71 24.40 15.51
N ILE C 314 -14.33 24.62 16.76
CA ILE C 314 -13.09 24.08 17.32
C ILE C 314 -13.45 22.89 18.19
N CYS C 315 -12.94 21.72 17.85
CA CYS C 315 -13.29 20.52 18.58
C CYS C 315 -12.05 19.78 19.05
N ASN C 316 -12.22 18.63 19.67
CA ASN C 316 -11.11 17.84 20.20
C ASN C 316 -10.87 16.65 19.29
N GLY C 317 -9.68 16.58 18.71
CA GLY C 317 -9.39 15.54 17.74
C GLY C 317 -9.32 14.15 18.33
N MET C 318 -9.04 14.05 19.63
CA MET C 318 -8.90 12.77 20.31
C MET C 318 -10.23 12.22 20.80
N GLN C 319 -11.34 12.68 20.21
CA GLN C 319 -12.67 12.20 20.54
C GLN C 319 -13.16 11.27 19.45
N GLU C 320 -13.96 10.28 19.84
CA GLU C 320 -14.47 9.33 18.88
C GLU C 320 -15.67 9.90 18.14
N LYS C 321 -15.63 9.83 16.81
CA LYS C 321 -16.69 10.34 15.94
C LYS C 321 -16.96 11.81 16.24
N ALA C 322 -15.96 12.64 15.93
CA ALA C 322 -16.05 14.06 16.18
C ALA C 322 -16.74 14.80 15.04
N ILE C 323 -16.33 14.56 13.79
CA ILE C 323 -16.95 15.26 12.68
C ILE C 323 -18.40 14.84 12.53
N LYS C 324 -18.68 13.55 12.68
CA LYS C 324 -20.04 13.06 12.47
C LYS C 324 -21.00 13.53 13.55
N THR C 325 -20.51 13.98 14.69
CA THR C 325 -21.39 14.54 15.70
C THR C 325 -21.38 16.06 15.71
N ILE C 326 -20.37 16.70 15.13
CA ILE C 326 -20.42 18.13 14.92
C ILE C 326 -21.44 18.46 13.84
N ILE C 327 -21.32 17.80 12.70
CA ILE C 327 -22.29 18.01 11.62
C ILE C 327 -23.66 17.51 12.03
N GLY C 328 -23.73 16.49 12.88
CA GLY C 328 -25.02 16.00 13.33
C GLY C 328 -25.82 17.01 14.12
N GLY C 329 -25.14 17.99 14.73
CA GLY C 329 -25.79 19.01 15.51
C GLY C 329 -25.63 18.89 17.01
N ARG C 330 -25.03 17.80 17.49
CA ARG C 330 -24.85 17.64 18.92
C ARG C 330 -23.82 18.63 19.44
N LYS C 331 -23.91 18.93 20.73
CA LYS C 331 -23.08 19.96 21.35
C LYS C 331 -21.68 19.41 21.55
N VAL C 332 -20.75 19.83 20.71
CA VAL C 332 -19.36 19.38 20.75
C VAL C 332 -18.47 20.56 20.41
N GLY C 333 -17.49 20.85 21.26
CA GLY C 333 -16.53 21.88 20.95
C GLY C 333 -17.09 23.29 21.12
N THR C 334 -16.37 24.24 20.55
CA THR C 334 -16.76 25.64 20.58
C THR C 334 -17.19 26.07 19.19
N PHE C 335 -18.29 26.81 19.12
CA PHE C 335 -18.88 27.23 17.86
C PHE C 335 -18.81 28.74 17.76
N PHE C 336 -17.97 29.24 16.87
CA PHE C 336 -17.73 30.67 16.75
C PHE C 336 -18.83 31.28 15.90
N THR C 337 -19.74 32.01 16.52
CA THR C 337 -20.81 32.67 15.79
C THR C 337 -21.07 34.04 16.39
N GLU C 338 -21.96 34.78 15.75
CA GLU C 338 -22.32 36.11 16.21
C GLU C 338 -23.08 36.04 17.53
N GLN D 115 37.97 -9.30 15.24
CA GLN D 115 36.82 -8.63 15.85
C GLN D 115 36.72 -7.18 15.39
N GLU D 116 37.85 -6.48 15.43
CA GLU D 116 37.88 -5.04 15.16
C GLU D 116 37.41 -4.69 13.77
N LEU D 117 37.06 -5.66 12.93
CA LEU D 117 36.33 -5.40 11.70
C LEU D 117 34.84 -5.62 11.87
N LEU D 118 34.43 -6.55 12.73
CA LEU D 118 33.01 -6.71 13.00
C LEU D 118 32.49 -5.63 13.93
N MET D 119 33.37 -4.93 14.63
CA MET D 119 33.00 -3.87 15.57
C MET D 119 33.18 -2.49 14.98
N SER D 120 33.26 -2.37 13.66
CA SER D 120 33.39 -1.08 13.00
C SER D 120 32.54 -1.02 11.74
N LEU D 121 31.50 -1.85 11.68
CA LEU D 121 30.53 -1.77 10.61
C LEU D 121 29.30 -1.01 11.08
N SER D 122 28.64 -0.36 10.14
CA SER D 122 27.39 0.30 10.47
C SER D 122 26.34 -0.73 10.84
N MET D 123 25.47 -0.37 11.79
CA MET D 123 24.42 -1.29 12.21
C MET D 123 23.50 -1.72 11.08
N ARG D 124 23.65 -1.13 9.90
CA ARG D 124 22.89 -1.57 8.74
C ARG D 124 23.59 -2.67 7.97
N GLU D 125 24.92 -2.60 7.87
CA GLU D 125 25.67 -3.66 7.21
C GLU D 125 25.64 -4.95 8.00
N THR D 126 25.61 -4.86 9.33
CA THR D 126 25.57 -6.06 10.16
C THR D 126 24.29 -6.85 9.92
N LEU D 127 23.17 -6.16 9.74
CA LEU D 127 21.90 -6.83 9.50
C LEU D 127 21.75 -7.35 8.08
N ASN D 128 22.77 -7.22 7.25
CA ASN D 128 22.73 -7.73 5.88
C ASN D 128 23.90 -8.66 5.59
N PRO E 45 36.29 16.80 -16.21
CA PRO E 45 35.51 15.75 -15.54
C PRO E 45 36.42 14.69 -14.95
N THR E 46 35.85 13.82 -14.11
CA THR E 46 36.64 12.80 -13.45
C THR E 46 36.62 11.46 -14.18
N PHE E 47 35.67 11.24 -15.06
CA PHE E 47 35.56 10.01 -15.83
C PHE E 47 35.68 10.34 -17.31
N THR E 48 36.68 9.77 -17.97
CA THR E 48 36.88 10.02 -19.39
C THR E 48 36.52 8.83 -20.26
N GLU E 49 36.88 7.62 -19.86
CA GLU E 49 36.54 6.42 -20.60
C GLU E 49 35.48 5.62 -19.86
N ARG E 50 34.58 5.02 -20.64
CA ARG E 50 33.41 4.33 -20.09
C ARG E 50 33.75 3.17 -19.17
N SER E 51 34.98 2.69 -19.19
CA SER E 51 35.34 1.59 -18.30
C SER E 51 35.47 2.02 -16.85
N GLN E 52 35.47 3.33 -16.57
CA GLN E 52 35.68 3.83 -15.22
C GLN E 52 34.38 4.12 -14.49
N LEU E 53 33.24 3.88 -15.12
CA LEU E 53 31.98 4.22 -14.46
C LEU E 53 31.64 3.26 -13.33
N LYS E 54 32.44 2.21 -13.11
CA LYS E 54 32.16 1.33 -11.98
C LYS E 54 32.36 2.06 -10.66
N TYR E 55 33.25 3.05 -10.62
CA TYR E 55 33.56 3.78 -9.40
C TYR E 55 32.74 5.04 -9.25
N ALA E 56 31.64 5.16 -9.98
CA ALA E 56 30.76 6.30 -9.83
C ALA E 56 30.11 6.26 -8.45
N ARG E 57 30.43 7.23 -7.62
CA ARG E 57 29.98 7.22 -6.24
C ARG E 57 28.64 7.92 -6.05
N ARG E 58 28.37 8.97 -6.82
CA ARG E 58 27.13 9.73 -6.70
C ARG E 58 26.43 9.76 -8.04
N LEU E 59 25.23 9.20 -8.10
CA LEU E 59 24.42 9.18 -9.31
C LEU E 59 23.31 10.20 -9.22
N VAL E 60 22.80 10.60 -10.38
CA VAL E 60 21.55 11.35 -10.50
C VAL E 60 20.83 10.79 -11.71
N VAL E 61 19.75 10.06 -11.47
CA VAL E 61 19.03 9.36 -12.51
C VAL E 61 17.76 10.12 -12.84
N LYS E 62 17.62 10.56 -14.09
CA LYS E 62 16.47 11.34 -14.50
C LYS E 62 15.53 10.47 -15.32
N LEU E 63 14.36 10.19 -14.79
CA LEU E 63 13.35 9.40 -15.47
C LEU E 63 12.50 10.29 -16.35
N GLY E 64 12.53 10.07 -17.65
CA GLY E 64 11.70 10.83 -18.55
C GLY E 64 10.22 10.59 -18.27
N SER E 65 9.39 11.27 -19.06
CA SER E 65 7.95 11.09 -18.94
C SER E 65 7.41 10.05 -19.89
N ALA E 66 8.20 9.61 -20.87
CA ALA E 66 7.82 8.51 -21.72
C ALA E 66 8.31 7.18 -21.18
N VAL E 67 9.06 7.18 -20.09
CA VAL E 67 9.49 5.95 -19.42
C VAL E 67 8.55 5.58 -18.30
N ILE E 68 7.52 6.37 -18.03
CA ILE E 68 6.60 6.12 -16.93
C ILE E 68 5.23 5.70 -17.42
N THR E 69 4.68 6.39 -18.42
CA THR E 69 3.36 6.08 -18.92
C THR E 69 3.44 5.31 -20.23
N ARG E 70 2.41 4.52 -20.49
CA ARG E 70 2.37 3.68 -21.67
C ARG E 70 1.94 4.47 -22.89
N GLU E 71 2.05 3.84 -24.06
CA GLU E 71 1.74 4.54 -25.30
C GLU E 71 0.23 4.64 -25.52
N ASP E 72 -0.53 3.65 -25.06
CA ASP E 72 -1.97 3.71 -25.18
C ASP E 72 -2.61 4.58 -24.12
N ASN E 73 -1.86 4.98 -23.09
CA ASN E 73 -2.36 5.82 -22.01
C ASN E 73 -3.53 5.16 -21.29
N HIS E 74 -3.28 3.98 -20.74
CA HIS E 74 -4.27 3.28 -19.93
C HIS E 74 -3.62 2.73 -18.66
N GLY E 75 -2.77 3.55 -18.05
CA GLY E 75 -2.13 3.22 -16.80
C GLY E 75 -0.65 3.48 -16.87
N LEU E 76 0.05 3.14 -15.80
CA LEU E 76 1.49 3.27 -15.76
C LEU E 76 2.14 2.13 -16.51
N ALA E 77 3.44 2.27 -16.75
CA ALA E 77 4.25 1.20 -17.30
C ALA E 77 4.97 0.58 -16.12
N LEU E 78 4.30 -0.32 -15.42
CA LEU E 78 4.90 -0.93 -14.24
C LEU E 78 6.13 -1.74 -14.59
N GLY E 79 6.24 -2.23 -15.81
CA GLY E 79 7.45 -2.93 -16.20
C GLY E 79 8.67 -2.06 -16.08
N ARG E 80 8.72 -0.98 -16.86
CA ARG E 80 9.89 -0.11 -16.85
C ARG E 80 10.07 0.55 -15.50
N LEU E 81 8.97 1.00 -14.89
CA LEU E 81 9.07 1.68 -13.61
C LEU E 81 9.67 0.77 -12.54
N ALA E 82 9.14 -0.46 -12.43
CA ALA E 82 9.65 -1.35 -11.41
C ALA E 82 11.06 -1.82 -11.72
N SER E 83 11.41 -1.95 -13.00
CA SER E 83 12.78 -2.35 -13.31
C SER E 83 13.77 -1.25 -12.94
N ILE E 84 13.41 0.01 -13.17
CA ILE E 84 14.31 1.10 -12.80
C ILE E 84 14.40 1.22 -11.28
N VAL E 85 13.28 1.03 -10.57
CA VAL E 85 13.34 1.07 -9.12
C VAL E 85 14.19 -0.08 -8.59
N GLU E 86 14.11 -1.25 -9.21
CA GLU E 86 14.94 -2.36 -8.77
C GLU E 86 16.41 -2.08 -9.00
N GLN E 87 16.76 -1.52 -10.15
CA GLN E 87 18.17 -1.21 -10.40
C GLN E 87 18.68 -0.12 -9.47
N VAL E 88 17.87 0.89 -9.19
CA VAL E 88 18.31 1.95 -8.28
C VAL E 88 18.44 1.41 -6.86
N ALA E 89 17.53 0.55 -6.42
CA ALA E 89 17.66 0.01 -5.08
C ALA E 89 18.87 -0.92 -4.96
N GLU E 90 19.18 -1.67 -6.02
CA GLU E 90 20.37 -2.51 -5.92
C GLU E 90 21.66 -1.75 -6.22
N CYS E 91 21.59 -0.53 -6.73
CA CYS E 91 22.76 0.34 -6.80
C CYS E 91 22.88 1.24 -5.60
N HIS E 92 21.86 1.32 -4.77
CA HIS E 92 21.90 2.13 -3.56
C HIS E 92 22.15 1.28 -2.33
N LEU E 93 21.79 0.01 -2.36
CA LEU E 93 22.21 -0.92 -1.32
C LEU E 93 23.59 -1.47 -1.56
N GLU E 94 24.36 -0.81 -2.42
CA GLU E 94 25.72 -1.21 -2.72
C GLU E 94 26.74 -0.16 -2.33
N GLY E 95 26.29 0.97 -1.80
CA GLY E 95 27.18 2.02 -1.35
C GLY E 95 27.01 3.34 -2.06
N ARG E 96 26.47 3.35 -3.27
CA ARG E 96 26.32 4.60 -4.01
C ARG E 96 25.25 5.46 -3.37
N GLU E 97 25.10 6.67 -3.91
CA GLU E 97 24.17 7.66 -3.37
C GLU E 97 23.30 8.14 -4.52
N VAL E 98 22.21 7.43 -4.76
CA VAL E 98 21.36 7.71 -5.90
C VAL E 98 20.36 8.79 -5.52
N MET E 99 19.92 9.55 -6.51
CA MET E 99 19.00 10.66 -6.29
C MET E 99 18.21 10.85 -7.56
N MET E 100 16.94 10.47 -7.56
CA MET E 100 16.14 10.42 -8.77
C MET E 100 15.45 11.75 -9.02
N VAL E 101 15.40 12.15 -10.29
CA VAL E 101 14.66 13.33 -10.69
C VAL E 101 13.50 12.87 -11.55
N THR E 102 12.37 12.58 -10.92
CA THR E 102 11.27 11.96 -11.63
C THR E 102 10.52 12.97 -12.49
N SER E 103 9.66 12.46 -13.34
CA SER E 103 8.82 13.29 -14.18
C SER E 103 7.49 12.60 -14.37
N GLY E 104 6.69 13.07 -15.33
CA GLY E 104 5.50 12.34 -15.67
C GLY E 104 4.43 12.34 -14.60
N ALA E 105 4.36 13.39 -13.78
CA ALA E 105 3.21 13.57 -12.92
C ALA E 105 2.02 14.09 -13.70
N VAL E 106 2.25 14.92 -14.71
CA VAL E 106 1.15 15.49 -15.48
C VAL E 106 0.45 14.43 -16.31
N ALA E 107 1.19 13.50 -16.90
CA ALA E 107 0.55 12.48 -17.72
C ALA E 107 -0.29 11.53 -16.87
N PHE E 108 0.28 11.05 -15.77
CA PHE E 108 -0.47 10.19 -14.86
C PHE E 108 -1.70 10.92 -14.31
N GLY E 109 -1.53 12.19 -13.96
CA GLY E 109 -2.68 12.95 -13.50
C GLY E 109 -3.74 13.10 -14.56
N LYS E 110 -3.33 13.28 -15.81
CA LYS E 110 -4.32 13.42 -16.88
C LYS E 110 -5.13 12.15 -17.02
N GLN E 111 -4.49 10.99 -16.89
CA GLN E 111 -5.24 9.75 -16.93
C GLN E 111 -6.25 9.68 -15.78
N LYS E 112 -5.80 9.95 -14.55
CA LYS E 112 -6.70 9.85 -13.42
C LYS E 112 -7.87 10.84 -13.55
N LEU E 113 -7.60 12.03 -14.07
CA LEU E 113 -8.66 13.02 -14.20
C LEU E 113 -9.61 12.67 -15.32
N ALA E 114 -9.12 12.08 -16.41
CA ALA E 114 -10.04 11.61 -17.45
C ALA E 114 -10.99 10.57 -16.90
N GLN E 115 -10.47 9.64 -16.09
CA GLN E 115 -11.36 8.66 -15.47
C GLN E 115 -12.39 9.34 -14.57
N GLU E 116 -11.93 10.19 -13.65
CA GLU E 116 -12.85 10.79 -12.70
C GLU E 116 -13.82 11.78 -13.34
N LEU E 117 -13.53 12.24 -14.55
CA LEU E 117 -14.49 13.06 -15.28
C LEU E 117 -15.48 12.23 -16.06
N LEU E 118 -15.04 11.10 -16.61
CA LEU E 118 -15.96 10.20 -17.29
C LEU E 118 -16.92 9.53 -16.32
N MET E 119 -16.52 9.38 -15.07
CA MET E 119 -17.38 8.75 -14.07
C MET E 119 -18.27 9.75 -13.35
N SER E 120 -18.55 10.90 -13.96
CA SER E 120 -19.37 11.91 -13.31
C SER E 120 -20.38 12.54 -14.26
N LEU E 121 -20.54 11.99 -15.45
CA LEU E 121 -21.58 12.46 -16.34
C LEU E 121 -22.90 11.80 -15.99
N SER E 122 -23.99 12.43 -16.42
CA SER E 122 -25.29 11.83 -16.25
C SER E 122 -25.45 10.62 -17.16
N MET E 123 -26.36 9.73 -16.79
CA MET E 123 -26.66 8.60 -17.65
C MET E 123 -27.20 9.03 -18.99
N ARG E 124 -27.67 10.27 -19.11
CA ARG E 124 -28.18 10.73 -20.40
C ARG E 124 -27.06 11.18 -21.31
N GLU E 125 -26.05 11.86 -20.76
CA GLU E 125 -24.95 12.34 -21.58
C GLU E 125 -24.03 11.20 -21.98
N THR E 126 -23.96 10.13 -21.20
CA THR E 126 -23.12 9.00 -21.57
C THR E 126 -23.66 8.30 -22.81
N LEU E 127 -24.98 8.20 -22.94
CA LEU E 127 -25.59 7.47 -24.03
C LEU E 127 -25.51 8.19 -25.37
N ASN E 128 -24.82 9.33 -25.46
CA ASN E 128 -24.57 9.98 -26.74
C ASN E 128 -23.49 11.04 -26.61
N LEU E 140 -8.89 19.29 -19.64
CA LEU E 140 -8.14 18.85 -18.47
C LEU E 140 -7.05 19.85 -18.14
N GLU E 141 -7.16 20.45 -16.96
CA GLU E 141 -6.21 21.47 -16.58
C GLU E 141 -4.86 20.83 -16.24
N PRO E 142 -3.74 21.46 -16.59
CA PRO E 142 -2.45 20.87 -16.23
C PRO E 142 -2.17 20.86 -14.75
N ARG E 143 -2.66 21.85 -14.00
CA ARG E 143 -2.32 21.93 -12.59
C ARG E 143 -3.03 20.88 -11.75
N ALA E 144 -4.32 20.67 -11.97
CA ALA E 144 -5.01 19.62 -11.25
C ALA E 144 -4.47 18.25 -11.61
N ALA E 145 -4.17 18.04 -12.89
CA ALA E 145 -3.53 16.80 -13.29
C ALA E 145 -2.21 16.61 -12.56
N ALA E 146 -1.43 17.69 -12.44
CA ALA E 146 -0.15 17.58 -11.75
C ALA E 146 -0.34 17.18 -10.30
N ALA E 147 -1.32 17.77 -9.63
CA ALA E 147 -1.56 17.42 -8.23
C ALA E 147 -1.88 15.93 -8.08
N VAL E 148 -2.90 15.47 -8.81
CA VAL E 148 -3.31 14.07 -8.67
C VAL E 148 -2.16 13.13 -9.03
N GLY E 149 -1.44 13.45 -10.10
CA GLY E 149 -0.38 12.57 -10.55
C GLY E 149 0.77 12.51 -9.58
N GLN E 150 1.13 13.65 -8.98
CA GLN E 150 2.23 13.64 -8.02
C GLN E 150 1.88 12.77 -6.82
N SER E 151 0.67 12.91 -6.30
CA SER E 151 0.30 12.05 -5.18
C SER E 151 0.37 10.58 -5.54
N GLY E 152 -0.24 10.19 -6.66
CA GLY E 152 -0.25 8.79 -7.04
C GLY E 152 1.13 8.23 -7.30
N LEU E 153 1.98 9.00 -7.97
CA LEU E 153 3.31 8.53 -8.30
C LEU E 153 4.15 8.37 -7.04
N MET E 154 4.07 9.30 -6.10
CA MET E 154 4.84 9.14 -4.88
C MET E 154 4.37 7.94 -4.08
N SER E 155 3.07 7.67 -4.07
CA SER E 155 2.61 6.47 -3.37
C SER E 155 3.16 5.21 -4.02
N LEU E 156 3.18 5.15 -5.35
CA LEU E 156 3.70 3.97 -6.02
C LEU E 156 5.19 3.78 -5.77
N TYR E 157 5.97 4.85 -5.90
CA TYR E 157 7.39 4.78 -5.57
C TYR E 157 7.60 4.30 -4.15
N ASP E 158 6.80 4.81 -3.22
CA ASP E 158 6.95 4.41 -1.83
C ASP E 158 6.79 2.92 -1.67
N ALA E 159 5.73 2.35 -2.25
CA ALA E 159 5.52 0.91 -2.15
C ALA E 159 6.67 0.14 -2.77
N MET E 160 7.04 0.48 -4.00
CA MET E 160 8.05 -0.29 -4.71
C MET E 160 9.40 -0.22 -4.02
N PHE E 161 9.74 0.92 -3.41
CA PHE E 161 11.01 1.04 -2.75
C PHE E 161 10.99 0.36 -1.40
N ALA E 162 9.91 0.49 -0.64
CA ALA E 162 9.82 -0.21 0.63
C ALA E 162 9.85 -1.71 0.46
N GLN E 163 9.57 -2.21 -0.75
CA GLN E 163 9.79 -3.63 -0.99
C GLN E 163 11.25 -4.04 -0.86
N TYR E 164 12.18 -3.07 -0.82
CA TYR E 164 13.61 -3.36 -0.74
C TYR E 164 14.24 -2.83 0.53
N GLY E 165 13.45 -2.31 1.46
CA GLY E 165 13.98 -1.70 2.66
C GLY E 165 14.47 -0.29 2.50
N VAL E 166 14.41 0.27 1.31
CA VAL E 166 14.88 1.62 1.04
C VAL E 166 13.78 2.61 1.38
N LYS E 167 14.18 3.80 1.81
CA LYS E 167 13.25 4.86 2.15
C LYS E 167 13.41 6.00 1.17
N ILE E 168 12.32 6.74 0.92
CA ILE E 168 12.35 7.82 -0.06
C ILE E 168 11.83 9.10 0.58
N ALA E 169 12.14 10.21 -0.06
CA ALA E 169 11.70 11.52 0.37
C ALA E 169 11.32 12.32 -0.86
N GLN E 170 10.36 13.22 -0.70
CA GLN E 170 9.79 13.96 -1.81
C GLN E 170 10.10 15.44 -1.66
N VAL E 171 11.04 15.94 -2.45
CA VAL E 171 11.43 17.34 -2.43
C VAL E 171 10.88 17.99 -3.69
N LEU E 172 10.06 19.03 -3.53
CA LEU E 172 9.42 19.70 -4.64
C LEU E 172 9.95 21.13 -4.75
N VAL E 173 10.65 21.42 -5.84
CA VAL E 173 11.27 22.72 -6.04
C VAL E 173 10.49 23.48 -7.10
N THR E 174 10.82 24.76 -7.24
CA THR E 174 10.22 25.59 -8.28
C THR E 174 11.27 26.39 -9.03
N LYS E 175 10.84 27.32 -9.86
CA LYS E 175 11.79 28.17 -10.58
C LYS E 175 12.35 29.27 -9.68
N PRO E 176 11.55 29.95 -8.85
CA PRO E 176 12.12 31.00 -7.99
C PRO E 176 12.97 30.46 -6.84
N ASP E 177 12.91 29.18 -6.51
CA ASP E 177 13.77 28.65 -5.46
C ASP E 177 15.21 28.48 -5.89
N PHE E 178 15.54 28.80 -7.14
CA PHE E 178 16.91 28.71 -7.62
C PHE E 178 17.52 30.07 -7.89
N TYR E 179 16.86 31.13 -7.43
CA TYR E 179 17.42 32.48 -7.50
C TYR E 179 17.75 33.04 -6.13
N ASN E 180 16.93 32.75 -5.13
CA ASN E 180 17.25 33.15 -3.76
C ASN E 180 18.44 32.33 -3.26
N GLU E 181 19.58 33.01 -3.05
CA GLU E 181 20.76 32.30 -2.59
C GLU E 181 20.51 31.58 -1.28
N GLU E 182 19.72 32.19 -0.39
CA GLU E 182 19.39 31.54 0.87
C GLU E 182 18.60 30.26 0.62
N THR E 183 17.59 30.32 -0.24
CA THR E 183 16.78 29.13 -0.51
C THR E 183 17.59 28.07 -1.25
N ARG E 184 18.48 28.48 -2.15
CA ARG E 184 19.28 27.51 -2.87
C ARG E 184 20.24 26.79 -1.93
N ASN E 185 20.92 27.53 -1.06
CA ASN E 185 21.82 26.90 -0.12
C ASN E 185 21.07 26.00 0.85
N ASN E 186 19.89 26.42 1.30
CA ASN E 186 19.11 25.57 2.18
C ASN E 186 18.70 24.29 1.46
N LEU E 187 18.29 24.39 0.20
CA LEU E 187 17.89 23.21 -0.54
C LEU E 187 19.05 22.24 -0.67
N PHE E 188 20.24 22.73 -0.94
CA PHE E 188 21.35 21.80 -1.12
C PHE E 188 21.84 21.22 0.19
N CYS E 189 21.77 21.99 1.28
CA CYS E 189 22.04 21.39 2.59
C CYS E 189 21.04 20.28 2.90
N THR E 190 19.77 20.51 2.57
CA THR E 190 18.75 19.48 2.78
C THR E 190 19.06 18.23 1.96
N LEU E 191 19.40 18.40 0.69
CA LEU E 191 19.68 17.25 -0.15
C LEU E 191 20.88 16.47 0.36
N SER E 192 21.95 17.16 0.73
CA SER E 192 23.12 16.46 1.24
C SER E 192 22.82 15.74 2.55
N GLU E 193 22.01 16.36 3.40
CA GLU E 193 21.66 15.71 4.66
C GLU E 193 20.79 14.48 4.43
N LEU E 194 19.89 14.53 3.45
CA LEU E 194 19.07 13.37 3.15
C LEU E 194 19.89 12.25 2.56
N ILE E 195 20.85 12.59 1.69
CA ILE E 195 21.68 11.57 1.07
C ILE E 195 22.58 10.90 2.10
N SER E 196 23.08 11.67 3.07
CA SER E 196 23.98 11.08 4.05
C SER E 196 23.27 10.24 5.09
N LEU E 197 21.97 10.01 4.97
CA LEU E 197 21.23 9.12 5.86
C LEU E 197 20.71 7.89 5.14
N ASN E 198 21.22 7.62 3.95
CA ASN E 198 20.74 6.53 3.12
C ASN E 198 19.24 6.62 2.88
N ILE E 199 18.84 7.77 2.32
CA ILE E 199 17.47 8.04 1.90
C ILE E 199 17.53 8.54 0.48
N VAL E 200 16.64 8.05 -0.37
CA VAL E 200 16.65 8.40 -1.79
C VAL E 200 15.72 9.56 -2.05
N PRO E 201 16.20 10.80 -2.18
CA PRO E 201 15.31 11.91 -2.47
C PRO E 201 14.82 11.80 -3.90
N ILE E 202 13.62 12.33 -4.13
CA ILE E 202 12.98 12.27 -5.44
C ILE E 202 12.52 13.67 -5.79
N ILE E 203 13.31 14.38 -6.56
CA ILE E 203 13.09 15.78 -6.85
C ILE E 203 12.14 15.92 -8.02
N ASN E 204 11.29 16.94 -7.97
CA ASN E 204 10.38 17.24 -9.08
C ASN E 204 9.89 18.67 -8.90
N THR E 205 9.55 19.31 -10.01
CA THR E 205 9.08 20.68 -9.96
C THR E 205 7.64 20.73 -9.46
N ASN E 206 7.32 21.75 -8.68
CA ASN E 206 6.00 21.90 -8.08
C ASN E 206 5.03 22.32 -9.18
N ASP E 207 4.58 21.34 -9.96
CA ASP E 207 3.70 21.65 -11.08
C ASP E 207 2.30 22.00 -10.63
N ALA E 208 1.96 21.70 -9.38
CA ALA E 208 0.57 21.87 -8.94
C ALA E 208 0.20 23.34 -8.80
N VAL E 209 1.10 24.16 -8.28
CA VAL E 209 0.80 25.56 -7.99
C VAL E 209 1.61 26.52 -8.83
N SER E 210 2.71 26.09 -9.44
CA SER E 210 3.50 27.00 -10.25
C SER E 210 4.37 26.23 -11.23
N PRO E 211 3.81 25.77 -12.34
CA PRO E 211 4.60 24.99 -13.30
C PRO E 211 5.63 25.86 -13.98
N PRO E 212 6.85 25.37 -14.14
CA PRO E 212 7.91 26.21 -14.72
C PRO E 212 7.82 26.37 -16.21
N MET E 213 7.10 25.49 -16.91
CA MET E 213 7.02 25.60 -18.37
C MET E 213 6.37 26.91 -18.78
N PHE E 214 5.44 27.41 -17.97
CA PHE E 214 4.72 28.63 -18.30
C PHE E 214 5.13 29.79 -17.39
N ILE E 228 21.88 28.22 -15.87
CA ILE E 228 21.08 27.53 -16.86
C ILE E 228 19.60 27.74 -16.58
N PRO E 229 18.87 28.20 -17.57
CA PRO E 229 17.43 28.48 -17.37
C PRO E 229 16.62 27.22 -17.17
N ILE E 230 16.05 27.04 -15.97
CA ILE E 230 15.29 25.83 -15.67
C ILE E 230 13.95 25.88 -16.39
N LYS E 231 13.83 25.17 -17.50
CA LYS E 231 12.63 25.20 -18.31
C LYS E 231 11.87 23.89 -18.32
N ASP E 232 12.41 22.83 -17.74
CA ASP E 232 11.78 21.53 -17.77
C ASP E 232 12.33 20.71 -16.62
N ASN E 233 12.13 19.40 -16.68
CA ASN E 233 12.73 18.48 -15.73
C ASN E 233 14.03 17.89 -16.24
N ASP E 234 14.71 18.59 -17.14
CA ASP E 234 16.02 18.20 -17.61
C ASP E 234 17.09 19.20 -17.22
N SER E 235 16.87 20.48 -17.50
CA SER E 235 17.78 21.49 -16.98
C SER E 235 17.80 21.46 -15.47
N LEU E 236 16.69 21.08 -14.84
CA LEU E 236 16.69 20.90 -13.39
C LEU E 236 17.65 19.79 -12.99
N SER E 237 17.63 18.68 -13.72
CA SER E 237 18.54 17.60 -13.39
C SER E 237 19.99 17.98 -13.61
N ALA E 238 20.28 18.73 -14.66
CA ALA E 238 21.66 19.16 -14.89
C ALA E 238 22.11 20.11 -13.78
N MET E 239 21.30 21.10 -13.45
CA MET E 239 21.67 22.02 -12.38
C MET E 239 21.87 21.29 -11.07
N LEU E 240 20.96 20.37 -10.74
CA LEU E 240 21.09 19.58 -9.53
C LEU E 240 22.39 18.79 -9.52
N ALA E 241 22.59 17.93 -10.52
CA ALA E 241 23.79 17.10 -10.54
C ALA E 241 25.06 17.88 -10.75
N ALA E 242 24.98 19.17 -11.06
CA ALA E 242 26.19 19.97 -11.08
C ALA E 242 26.45 20.65 -9.75
N GLU E 243 25.42 20.97 -8.98
CA GLU E 243 25.65 21.61 -7.69
C GLU E 243 25.99 20.61 -6.60
N VAL E 244 25.26 19.49 -6.52
CA VAL E 244 25.63 18.42 -5.59
C VAL E 244 26.96 17.78 -5.97
N GLN E 245 27.52 18.18 -7.11
CA GLN E 245 28.79 17.63 -7.60
C GLN E 245 28.72 16.13 -7.75
N ALA E 246 27.66 15.66 -8.38
CA ALA E 246 27.51 14.25 -8.64
C ALA E 246 28.60 13.78 -9.60
N ASP E 247 28.77 12.46 -9.66
CA ASP E 247 29.79 11.90 -10.53
C ASP E 247 29.25 11.51 -11.89
N LEU E 248 28.02 11.03 -11.94
CA LEU E 248 27.42 10.53 -13.16
C LEU E 248 25.99 11.04 -13.25
N LEU E 249 25.55 11.34 -14.47
CA LEU E 249 24.20 11.81 -14.72
C LEU E 249 23.61 10.98 -15.84
N ILE E 250 22.57 10.21 -15.54
CA ILE E 250 21.98 9.28 -16.48
C ILE E 250 20.61 9.82 -16.87
N LEU E 251 20.48 10.25 -18.12
CA LEU E 251 19.22 10.77 -18.64
C LEU E 251 18.52 9.65 -19.39
N MET E 252 17.48 9.09 -18.78
CA MET E 252 16.75 7.97 -19.39
C MET E 252 15.65 8.53 -20.28
N SER E 253 16.01 8.85 -21.51
CA SER E 253 15.04 9.31 -22.50
C SER E 253 14.29 8.10 -23.05
N ASP E 254 13.56 8.29 -24.14
CA ASP E 254 12.85 7.20 -24.79
C ASP E 254 13.44 6.82 -26.13
N VAL E 255 14.52 7.47 -26.55
CA VAL E 255 15.21 7.16 -27.80
C VAL E 255 16.52 6.48 -27.44
N ASP E 256 17.03 5.68 -28.37
CA ASP E 256 18.19 4.83 -28.10
C ASP E 256 19.46 5.61 -27.76
N GLY E 257 19.48 6.93 -27.95
CA GLY E 257 20.69 7.68 -27.73
C GLY E 257 20.68 9.01 -28.45
N ILE E 258 21.72 9.28 -29.23
CA ILE E 258 21.80 10.51 -30.01
C ILE E 258 22.38 10.17 -31.38
N TYR E 259 21.61 10.44 -32.42
CA TYR E 259 22.03 10.16 -33.79
C TYR E 259 22.63 11.39 -34.44
N ASN E 260 23.35 11.17 -35.53
CA ASN E 260 23.90 12.29 -36.28
C ASN E 260 22.82 13.01 -37.08
N LYS E 261 21.96 12.24 -37.75
CA LYS E 261 20.77 12.73 -38.42
C LYS E 261 19.55 12.02 -37.84
N PRO E 262 18.36 12.62 -37.92
CA PRO E 262 17.18 12.01 -37.31
C PRO E 262 16.98 10.58 -37.78
N PRO E 263 16.32 9.75 -36.97
CA PRO E 263 16.26 8.30 -37.28
C PRO E 263 15.59 7.97 -38.60
N TRP E 264 14.67 8.79 -39.08
CA TRP E 264 13.93 8.50 -40.30
C TRP E 264 14.64 9.02 -41.54
N GLU E 265 15.91 8.66 -41.70
CA GLU E 265 16.69 9.06 -42.85
C GLU E 265 17.72 7.97 -43.15
N ASP E 266 18.65 8.28 -44.03
CA ASP E 266 19.72 7.36 -44.42
C ASP E 266 21.04 7.88 -43.88
N GLY E 267 21.54 7.24 -42.82
CA GLY E 267 22.73 7.70 -42.15
C GLY E 267 22.45 7.95 -40.68
N ALA E 268 21.41 7.30 -40.16
CA ALA E 268 20.99 7.51 -38.78
C ALA E 268 21.76 6.60 -37.82
N LYS E 269 23.07 6.78 -37.82
CA LYS E 269 23.93 6.02 -36.93
C LYS E 269 23.84 6.58 -35.51
N LEU E 270 24.08 5.71 -34.53
CA LEU E 270 24.13 6.12 -33.14
C LEU E 270 25.54 6.60 -32.81
N MET E 271 25.62 7.61 -31.96
CA MET E 271 26.91 8.16 -31.55
C MET E 271 27.24 7.66 -30.16
N HIS E 272 28.17 6.72 -30.08
CA HIS E 272 28.54 6.12 -28.81
C HIS E 272 29.46 6.99 -27.99
N THR E 273 29.91 8.13 -28.52
CA THR E 273 30.75 9.03 -27.74
C THR E 273 30.63 10.42 -28.35
N TYR E 274 29.99 11.32 -27.62
CA TYR E 274 29.80 12.69 -28.07
C TYR E 274 31.05 13.50 -27.74
N THR E 275 32.02 13.48 -28.66
CA THR E 275 33.25 14.26 -28.51
C THR E 275 32.89 15.74 -28.45
N SER E 276 33.37 16.41 -27.41
CA SER E 276 32.94 17.77 -27.11
C SER E 276 33.13 18.73 -28.28
N ASP E 277 34.35 18.83 -28.80
CA ASP E 277 34.68 19.89 -29.75
C ASP E 277 33.84 19.85 -31.02
N ASP E 278 33.98 18.80 -31.82
CA ASP E 278 33.35 18.79 -33.14
C ASP E 278 31.84 18.61 -33.02
N SER E 279 31.41 17.65 -32.21
CA SER E 279 30.00 17.30 -32.15
C SER E 279 29.15 18.47 -31.63
N ASN E 280 29.78 19.42 -30.95
CA ASN E 280 29.05 20.61 -30.53
C ASN E 280 28.66 21.46 -31.73
N SER E 281 29.51 21.47 -32.77
CA SER E 281 29.23 22.30 -33.94
C SER E 281 28.22 21.65 -34.86
N ILE E 282 28.33 20.34 -35.08
CA ILE E 282 27.47 19.67 -36.04
C ILE E 282 26.64 18.56 -35.39
N MET E 295 15.31 16.91 -28.75
CA MET E 295 16.57 16.45 -28.17
C MET E 295 17.55 17.59 -28.03
N ASP E 296 17.20 18.77 -28.56
CA ASP E 296 18.09 19.91 -28.40
C ASP E 296 18.16 20.35 -26.95
N SER E 297 17.07 20.20 -26.19
CA SER E 297 17.11 20.52 -24.77
C SER E 297 18.04 19.56 -24.03
N LYS E 298 17.93 18.26 -24.32
CA LYS E 298 18.80 17.29 -23.68
C LYS E 298 20.26 17.53 -24.02
N VAL E 299 20.55 17.83 -25.29
CA VAL E 299 21.94 18.08 -25.66
C VAL E 299 22.46 19.33 -24.97
N LYS E 300 21.65 20.38 -24.89
CA LYS E 300 22.11 21.60 -24.25
C LYS E 300 22.40 21.37 -22.77
N ALA E 301 21.45 20.73 -22.07
CA ALA E 301 21.66 20.47 -20.65
C ALA E 301 22.84 19.55 -20.43
N ALA E 302 23.04 18.56 -21.30
CA ALA E 302 24.16 17.65 -21.12
C ALA E 302 25.49 18.35 -21.34
N THR E 303 25.59 19.15 -22.40
CA THR E 303 26.84 19.88 -22.60
C THR E 303 27.12 20.83 -21.45
N TRP E 304 26.09 21.52 -20.96
CA TRP E 304 26.29 22.37 -19.80
C TRP E 304 26.83 21.58 -18.62
N ALA E 305 26.08 20.57 -18.18
CA ALA E 305 26.51 19.77 -17.04
C ALA E 305 27.84 19.08 -17.27
N LEU E 306 28.28 18.95 -18.52
CA LEU E 306 29.59 18.38 -18.77
C LEU E 306 30.68 19.41 -18.57
N ASP E 307 30.43 20.66 -18.99
CA ASP E 307 31.43 21.68 -18.76
C ASP E 307 31.66 21.97 -17.28
N ARG E 308 30.83 21.43 -16.40
CA ARG E 308 30.90 21.70 -14.96
C ARG E 308 31.50 20.56 -14.17
N GLY E 309 31.95 19.50 -14.82
CA GLY E 309 32.56 18.41 -14.10
C GLY E 309 31.82 17.09 -14.22
N VAL E 310 30.49 17.15 -14.21
CA VAL E 310 29.69 15.94 -14.33
C VAL E 310 29.93 15.31 -15.69
N SER E 311 29.74 14.00 -15.78
CA SER E 311 29.82 13.27 -17.04
C SER E 311 28.48 12.62 -17.29
N VAL E 312 27.89 12.91 -18.44
CA VAL E 312 26.49 12.62 -18.73
C VAL E 312 26.38 11.44 -19.68
N VAL E 313 25.45 10.53 -19.40
CA VAL E 313 25.18 9.38 -20.24
C VAL E 313 23.70 9.40 -20.58
N ILE E 314 23.38 9.44 -21.88
CA ILE E 314 22.02 9.43 -22.35
C ILE E 314 21.71 8.04 -22.87
N CYS E 315 20.72 7.39 -22.27
CA CYS E 315 20.40 6.03 -22.65
C CYS E 315 18.93 5.88 -22.99
N ASN E 316 18.48 4.67 -23.29
CA ASN E 316 17.11 4.41 -23.67
C ASN E 316 16.40 3.75 -22.50
N GLY E 317 15.35 4.42 -22.00
CA GLY E 317 14.67 3.92 -20.81
C GLY E 317 13.90 2.64 -21.04
N MET E 318 13.52 2.36 -22.28
CA MET E 318 12.74 1.17 -22.61
C MET E 318 13.61 -0.05 -22.86
N GLN E 319 14.83 -0.04 -22.34
CA GLN E 319 15.75 -1.16 -22.45
C GLN E 319 15.81 -1.90 -21.13
N GLU E 320 16.01 -3.21 -21.20
CA GLU E 320 16.06 -4.02 -19.99
C GLU E 320 17.43 -3.92 -19.35
N LYS E 321 17.45 -3.62 -18.05
CA LYS E 321 18.68 -3.48 -17.27
C LYS E 321 19.61 -2.44 -17.92
N ALA E 322 19.14 -1.19 -17.90
CA ALA E 322 19.89 -0.10 -18.49
C ALA E 322 20.93 0.48 -17.54
N ILE E 323 20.53 0.80 -16.30
CA ILE E 323 21.49 1.38 -15.36
C ILE E 323 22.57 0.36 -15.02
N LYS E 324 22.18 -0.90 -14.81
CA LYS E 324 23.16 -1.89 -14.40
C LYS E 324 24.15 -2.24 -15.49
N THR E 325 23.85 -1.92 -16.74
CA THR E 325 24.82 -2.13 -17.80
C THR E 325 25.54 -0.85 -18.20
N ILE E 326 25.00 0.32 -17.86
CA ILE E 326 25.75 1.55 -18.03
C ILE E 326 26.86 1.62 -17.00
N ILE E 327 26.52 1.40 -15.74
CA ILE E 327 27.54 1.40 -14.70
C ILE E 327 28.48 0.21 -14.87
N GLY E 328 27.99 -0.90 -15.42
CA GLY E 328 28.86 -2.04 -15.64
C GLY E 328 29.99 -1.77 -16.61
N GLY E 329 29.82 -0.78 -17.50
CA GLY E 329 30.83 -0.43 -18.46
C GLY E 329 30.52 -0.84 -19.88
N ARG E 330 29.46 -1.60 -20.12
CA ARG E 330 29.12 -2.01 -21.46
C ARG E 330 28.66 -0.81 -22.29
N LYS E 331 28.80 -0.94 -23.60
CA LYS E 331 28.52 0.16 -24.52
C LYS E 331 27.01 0.32 -24.66
N VAL E 332 26.47 1.35 -24.03
CA VAL E 332 25.02 1.63 -24.05
C VAL E 332 24.84 3.13 -24.08
N GLY E 333 24.06 3.62 -25.04
CA GLY E 333 23.73 5.02 -25.07
C GLY E 333 24.88 5.89 -25.54
N THR E 334 24.75 7.19 -25.30
CA THR E 334 25.76 8.17 -25.65
C THR E 334 26.43 8.67 -24.39
N PHE E 335 27.75 8.79 -24.43
CA PHE E 335 28.56 9.17 -23.29
C PHE E 335 29.23 10.50 -23.58
N PHE E 336 28.78 11.56 -22.92
CA PHE E 336 29.27 12.91 -23.17
C PHE E 336 30.58 13.11 -22.44
N THR E 337 31.69 13.12 -23.17
CA THR E 337 32.98 13.35 -22.56
C THR E 337 33.83 14.22 -23.48
N GLU E 338 35.01 14.59 -22.98
CA GLU E 338 35.93 15.41 -23.75
C GLU E 338 36.47 14.65 -24.95
N GLN F 115 -38.52 6.36 -15.20
CA GLN F 115 -37.24 6.22 -15.89
C GLN F 115 -36.43 7.50 -15.81
N GLU F 116 -37.08 8.62 -16.10
CA GLU F 116 -36.40 9.91 -16.21
C GLU F 116 -35.73 10.34 -14.93
N LEU F 117 -35.84 9.57 -13.85
CA LEU F 117 -35.00 9.75 -12.69
C LEU F 117 -33.80 8.82 -12.69
N LEU F 118 -33.94 7.62 -13.25
CA LEU F 118 -32.79 6.74 -13.38
C LEU F 118 -31.88 7.16 -14.52
N MET F 119 -32.36 7.99 -15.43
CA MET F 119 -31.60 8.45 -16.58
C MET F 119 -31.06 9.85 -16.38
N SER F 120 -30.98 10.33 -15.14
CA SER F 120 -30.43 11.65 -14.84
C SER F 120 -29.58 11.61 -13.59
N LEU F 121 -29.06 10.44 -13.25
CA LEU F 121 -28.10 10.31 -12.17
C LEU F 121 -26.69 10.24 -12.74
N SER F 122 -25.73 10.71 -11.96
CA SER F 122 -24.35 10.59 -12.36
C SER F 122 -23.95 9.12 -12.38
N MET F 123 -23.08 8.76 -13.33
CA MET F 123 -22.63 7.38 -13.43
C MET F 123 -21.96 6.87 -12.17
N ARG F 124 -21.72 7.74 -11.19
CA ARG F 124 -21.19 7.30 -9.91
C ARG F 124 -22.28 6.91 -8.94
N GLU F 125 -23.40 7.62 -8.95
CA GLU F 125 -24.52 7.26 -8.08
C GLU F 125 -25.17 5.96 -8.52
N THR F 126 -25.19 5.68 -9.82
CA THR F 126 -25.78 4.45 -10.31
C THR F 126 -25.02 3.24 -9.79
N LEU F 127 -23.70 3.32 -9.72
CA LEU F 127 -22.89 2.22 -9.24
C LEU F 127 -22.91 2.07 -7.72
N ASN F 128 -23.69 2.88 -7.02
CA ASN F 128 -23.81 2.78 -5.57
C ASN F 128 -25.26 2.63 -5.13
N PRO G 45 -6.75 -22.05 36.41
CA PRO G 45 -6.15 -20.97 35.63
C PRO G 45 -5.08 -20.23 36.40
N THR G 46 -4.32 -19.38 35.72
CA THR G 46 -3.23 -18.66 36.37
C THR G 46 -3.62 -17.27 36.82
N PHE G 47 -4.70 -16.71 36.28
CA PHE G 47 -5.17 -15.38 36.64
C PHE G 47 -6.56 -15.51 37.23
N THR G 48 -6.72 -15.07 38.47
CA THR G 48 -8.02 -15.14 39.13
C THR G 48 -8.69 -13.78 39.29
N GLU G 49 -7.93 -12.76 39.66
CA GLU G 49 -8.47 -11.41 39.79
C GLU G 49 -7.96 -10.52 38.66
N ARG G 50 -8.84 -9.63 38.20
CA ARG G 50 -8.56 -8.81 37.03
C ARG G 50 -7.36 -7.89 37.19
N SER G 51 -6.86 -7.68 38.40
CA SER G 51 -5.69 -6.84 38.58
C SER G 51 -4.41 -7.50 38.12
N GLN G 52 -4.43 -8.80 37.83
CA GLN G 52 -3.23 -9.53 37.46
C GLN G 52 -3.05 -9.64 35.96
N LEU G 53 -3.94 -9.07 35.17
CA LEU G 53 -3.80 -9.23 33.72
C LEU G 53 -2.67 -8.40 33.15
N LYS G 54 -1.98 -7.59 33.96
CA LYS G 54 -0.84 -6.86 33.43
C LYS G 54 0.29 -7.80 33.04
N TYR G 55 0.39 -8.95 33.70
CA TYR G 55 1.46 -9.90 33.44
C TYR G 55 1.06 -10.97 32.44
N ALA G 56 0.02 -10.74 31.66
CA ALA G 56 -0.38 -11.67 30.62
C ALA G 56 0.69 -11.69 29.54
N ARG G 57 1.36 -12.83 29.40
CA ARG G 57 2.49 -12.93 28.48
C ARG G 57 2.07 -13.34 27.08
N ARG G 58 1.05 -14.18 26.94
CA ARG G 58 0.60 -14.66 25.65
C ARG G 58 -0.88 -14.34 25.47
N LEU G 59 -1.19 -13.54 24.47
CA LEU G 59 -2.57 -13.16 24.17
C LEU G 59 -3.06 -13.92 22.95
N VAL G 60 -4.39 -14.02 22.84
CA VAL G 60 -5.05 -14.45 21.62
C VAL G 60 -6.28 -13.58 21.47
N VAL G 61 -6.26 -12.68 20.49
CA VAL G 61 -7.30 -11.68 20.31
C VAL G 61 -8.17 -12.11 19.15
N LYS G 62 -9.45 -12.29 19.40
CA LYS G 62 -10.38 -12.75 18.36
C LYS G 62 -11.24 -11.58 17.93
N LEU G 63 -11.07 -11.14 16.69
CA LEU G 63 -11.86 -10.05 16.13
C LEU G 63 -13.13 -10.60 15.53
N GLY G 64 -14.28 -10.21 16.06
CA GLY G 64 -15.54 -10.62 15.48
C GLY G 64 -15.71 -10.12 14.07
N SER G 65 -16.84 -10.46 13.49
CA SER G 65 -17.16 -10.00 12.14
C SER G 65 -17.99 -8.73 12.14
N ALA G 66 -18.54 -8.34 13.28
CA ALA G 66 -19.20 -7.06 13.40
C ALA G 66 -18.27 -5.96 13.85
N VAL G 67 -17.02 -6.30 14.16
CA VAL G 67 -16.00 -5.31 14.49
C VAL G 67 -15.18 -4.91 13.27
N ILE G 68 -15.44 -5.49 12.12
CA ILE G 68 -14.68 -5.22 10.92
C ILE G 68 -15.48 -4.44 9.89
N THR G 69 -16.72 -4.84 9.64
CA THR G 69 -17.55 -4.18 8.64
C THR G 69 -18.56 -3.26 9.30
N ARG G 70 -18.96 -2.22 8.57
CA ARG G 70 -19.87 -1.23 9.09
C ARG G 70 -21.31 -1.72 8.99
N GLU G 71 -22.21 -0.97 9.62
CA GLU G 71 -23.61 -1.39 9.67
C GLU G 71 -24.31 -1.12 8.35
N ASP G 72 -23.90 -0.08 7.62
CA ASP G 72 -24.50 0.19 6.33
C ASP G 72 -23.91 -0.66 5.23
N ASN G 73 -22.82 -1.37 5.49
CA ASN G 73 -22.17 -2.23 4.51
C ASN G 73 -21.73 -1.45 3.28
N HIS G 74 -20.89 -0.45 3.49
CA HIS G 74 -20.31 0.32 2.39
C HIS G 74 -18.82 0.51 2.63
N GLY G 75 -18.16 -0.55 3.07
CA GLY G 75 -16.72 -0.56 3.27
C GLY G 75 -16.37 -1.12 4.61
N LEU G 76 -15.09 -1.10 4.92
CA LEU G 76 -14.61 -1.54 6.21
C LEU G 76 -14.85 -0.47 7.27
N ALA G 77 -14.69 -0.85 8.52
CA ALA G 77 -14.70 0.09 9.62
C ALA G 77 -13.25 0.36 9.97
N LEU G 78 -12.63 1.27 9.23
CA LEU G 78 -11.22 1.55 9.45
C LEU G 78 -10.96 2.11 10.83
N GLY G 79 -11.95 2.74 11.44
CA GLY G 79 -11.77 3.22 12.80
C GLY G 79 -11.45 2.10 13.76
N ARG G 80 -12.38 1.17 13.92
CA ARG G 80 -12.19 0.07 14.86
C ARG G 80 -11.02 -0.81 14.44
N LEU G 81 -10.91 -1.10 13.15
CA LEU G 81 -9.84 -1.97 12.68
C LEU G 81 -8.48 -1.37 12.98
N ALA G 82 -8.28 -0.10 12.65
CA ALA G 82 -6.98 0.51 12.88
C ALA G 82 -6.72 0.70 14.36
N SER G 83 -7.75 0.94 15.17
CA SER G 83 -7.51 1.08 16.60
C SER G 83 -7.09 -0.25 17.22
N ILE G 84 -7.69 -1.35 16.77
CA ILE G 84 -7.29 -2.66 17.31
C ILE G 84 -5.89 -3.02 16.83
N VAL G 85 -5.56 -2.70 15.58
CA VAL G 85 -4.21 -2.97 15.11
C VAL G 85 -3.20 -2.13 15.87
N GLU G 86 -3.53 -0.89 16.18
CA GLU G 86 -2.63 -0.06 16.97
C GLU G 86 -2.43 -0.61 18.36
N GLN G 87 -3.49 -1.06 19.02
CA GLN G 87 -3.34 -1.62 20.36
C GLN G 87 -2.55 -2.92 20.33
N VAL G 88 -2.78 -3.77 19.33
CA VAL G 88 -2.02 -5.02 19.25
C VAL G 88 -0.56 -4.74 18.95
N ALA G 89 -0.26 -3.78 18.08
CA ALA G 89 1.14 -3.49 17.80
C ALA G 89 1.83 -2.87 19.01
N GLU G 90 1.13 -2.06 19.79
CA GLU G 90 1.78 -1.52 20.98
C GLU G 90 1.76 -2.48 22.16
N CYS G 91 1.00 -3.57 22.09
CA CYS G 91 1.12 -4.65 23.07
C CYS G 91 2.08 -5.73 22.62
N HIS G 92 2.48 -5.72 21.36
CA HIS G 92 3.44 -6.67 20.85
C HIS G 92 4.84 -6.10 20.77
N LEU G 93 4.98 -4.79 20.64
CA LEU G 93 6.27 -4.13 20.79
C LEU G 93 6.61 -3.87 22.23
N GLU G 94 5.92 -4.54 23.15
CA GLU G 94 6.17 -4.40 24.57
C GLU G 94 6.63 -5.70 25.21
N GLY G 95 6.73 -6.78 24.44
CA GLY G 95 7.21 -8.05 24.94
C GLY G 95 6.21 -9.18 24.84
N ARG G 96 4.92 -8.88 24.77
CA ARG G 96 3.92 -9.94 24.71
C ARG G 96 3.98 -10.65 23.37
N GLU G 97 3.18 -11.70 23.23
CA GLU G 97 3.16 -12.54 22.04
C GLU G 97 1.72 -12.63 21.57
N VAL G 98 1.30 -11.68 20.77
CA VAL G 98 -0.08 -11.59 20.34
C VAL G 98 -0.29 -12.48 19.12
N MET G 99 -1.51 -12.97 18.96
CA MET G 99 -1.84 -13.87 17.87
C MET G 99 -3.31 -13.69 17.56
N MET G 100 -3.64 -13.07 16.45
CA MET G 100 -5.00 -12.65 16.15
C MET G 100 -5.75 -13.74 15.40
N VAL G 101 -7.00 -13.93 15.76
CA VAL G 101 -7.88 -14.85 15.04
C VAL G 101 -8.94 -14.02 14.34
N THR G 102 -8.66 -13.60 13.13
CA THR G 102 -9.53 -12.65 12.46
C THR G 102 -10.78 -13.34 11.93
N SER G 103 -11.74 -12.52 11.51
CA SER G 103 -12.96 -13.03 10.91
C SER G 103 -13.42 -12.04 9.85
N GLY G 104 -14.66 -12.18 9.39
CA GLY G 104 -15.20 -11.17 8.52
C GLY G 104 -14.56 -11.10 7.15
N ALA G 105 -14.06 -12.22 6.64
CA ALA G 105 -13.67 -12.26 5.25
C ALA G 105 -14.88 -12.41 4.35
N VAL G 106 -15.91 -13.10 4.80
CA VAL G 106 -17.10 -13.30 3.97
C VAL G 106 -17.87 -12.00 3.78
N ALA G 107 -17.98 -11.17 4.82
CA ALA G 107 -18.71 -9.93 4.67
C ALA G 107 -18.00 -8.96 3.73
N PHE G 108 -16.70 -8.78 3.94
CA PHE G 108 -15.91 -7.93 3.06
C PHE G 108 -15.96 -8.45 1.62
N GLY G 109 -15.85 -9.76 1.45
CA GLY G 109 -15.97 -10.32 0.11
C GLY G 109 -17.32 -10.08 -0.51
N LYS G 110 -18.38 -10.15 0.29
CA LYS G 110 -19.71 -9.92 -0.25
C LYS G 110 -19.83 -8.49 -0.76
N GLN G 111 -19.26 -7.53 -0.04
CA GLN G 111 -19.26 -6.16 -0.54
C GLN G 111 -18.52 -6.05 -1.87
N LYS G 112 -17.30 -6.59 -1.92
CA LYS G 112 -16.53 -6.47 -3.16
C LYS G 112 -17.22 -7.16 -4.33
N LEU G 113 -17.88 -8.28 -4.08
CA LEU G 113 -18.56 -8.99 -5.16
C LEU G 113 -19.82 -8.28 -5.58
N ALA G 114 -20.54 -7.65 -4.65
CA ALA G 114 -21.69 -6.85 -5.05
C ALA G 114 -21.26 -5.72 -5.97
N GLN G 115 -20.15 -5.05 -5.64
CA GLN G 115 -19.65 -4.02 -6.54
C GLN G 115 -19.30 -4.58 -7.91
N GLU G 116 -18.50 -5.64 -7.95
CA GLU G 116 -18.04 -6.16 -9.22
C GLU G 116 -19.16 -6.81 -10.03
N LEU G 117 -20.28 -7.14 -9.40
CA LEU G 117 -21.43 -7.61 -10.15
C LEU G 117 -22.29 -6.48 -10.66
N LEU G 118 -22.41 -5.40 -9.89
CA LEU G 118 -23.15 -4.24 -10.35
C LEU G 118 -22.42 -3.53 -11.49
N MET G 119 -21.10 -3.66 -11.56
CA MET G 119 -20.32 -3.03 -12.61
C MET G 119 -20.16 -3.91 -13.84
N SER G 120 -21.05 -4.87 -14.04
CA SER G 120 -20.94 -5.77 -15.18
C SER G 120 -22.28 -6.01 -15.87
N LEU G 121 -23.32 -5.26 -15.51
CA LEU G 121 -24.57 -5.34 -16.21
C LEU G 121 -24.53 -4.47 -17.46
N SER G 122 -25.41 -4.78 -18.40
CA SER G 122 -25.54 -3.94 -19.58
C SER G 122 -26.18 -2.61 -19.22
N MET G 123 -25.93 -1.61 -20.06
CA MET G 123 -26.58 -0.32 -19.85
C MET G 123 -28.09 -0.42 -19.94
N ARG G 124 -28.61 -1.49 -20.51
CA ARG G 124 -30.06 -1.64 -20.60
C ARG G 124 -30.64 -2.18 -19.30
N GLU G 125 -29.95 -3.14 -18.67
CA GLU G 125 -30.46 -3.71 -17.43
C GLU G 125 -30.29 -2.75 -16.27
N THR G 126 -29.31 -1.85 -16.33
CA THR G 126 -29.14 -0.88 -15.25
C THR G 126 -30.31 0.10 -15.20
N LEU G 127 -30.83 0.49 -16.36
CA LEU G 127 -31.88 1.49 -16.42
C LEU G 127 -33.24 0.98 -15.98
N ASN G 128 -33.34 -0.25 -15.48
CA ASN G 128 -34.58 -0.74 -14.89
C ASN G 128 -34.35 -2.01 -14.09
N LEU G 140 -25.00 -14.17 -4.38
CA LEU G 140 -23.58 -14.08 -4.03
C LEU G 140 -23.14 -15.34 -3.30
N GLU G 141 -22.23 -16.08 -3.90
CA GLU G 141 -21.78 -17.32 -3.32
C GLU G 141 -20.89 -17.04 -2.11
N PRO G 142 -20.99 -17.84 -1.05
CA PRO G 142 -20.12 -17.60 0.11
C PRO G 142 -18.66 -17.88 -0.16
N ARG G 143 -18.34 -18.82 -1.04
CA ARG G 143 -16.95 -19.20 -1.23
C ARG G 143 -16.18 -18.15 -2.02
N ALA G 144 -16.75 -17.64 -3.11
CA ALA G 144 -16.08 -16.59 -3.84
C ALA G 144 -15.95 -15.33 -3.00
N ALA G 145 -16.98 -15.00 -2.25
CA ALA G 145 -16.88 -13.88 -1.32
C ALA G 145 -15.74 -14.10 -0.34
N ALA G 146 -15.61 -15.32 0.18
CA ALA G 146 -14.54 -15.59 1.13
C ALA G 146 -13.18 -15.39 0.50
N ALA G 147 -13.00 -15.85 -0.75
CA ALA G 147 -11.71 -15.67 -1.41
C ALA G 147 -11.36 -14.18 -1.54
N VAL G 148 -12.26 -13.41 -2.14
CA VAL G 148 -11.96 -11.99 -2.36
C VAL G 148 -11.72 -11.28 -1.03
N GLY G 149 -12.55 -11.58 -0.03
CA GLY G 149 -12.43 -10.88 1.23
C GLY G 149 -11.15 -11.23 1.96
N GLN G 150 -10.72 -12.49 1.91
CA GLN G 150 -9.48 -12.86 2.58
C GLN G 150 -8.31 -12.13 1.97
N SER G 151 -8.24 -12.08 0.63
CA SER G 151 -7.15 -11.35 0.02
C SER G 151 -7.14 -9.88 0.45
N GLY G 152 -8.29 -9.21 0.35
CA GLY G 152 -8.34 -7.80 0.67
C GLY G 152 -8.01 -7.52 2.12
N LEU G 153 -8.52 -8.34 3.03
CA LEU G 153 -8.29 -8.13 4.44
C LEU G 153 -6.83 -8.34 4.80
N MET G 154 -6.18 -9.37 4.24
CA MET G 154 -4.78 -9.57 4.54
C MET G 154 -3.94 -8.42 4.01
N SER G 155 -4.28 -7.88 2.84
CA SER G 155 -3.53 -6.73 2.34
C SER G 155 -3.68 -5.53 3.28
N LEU G 156 -4.89 -5.29 3.78
CA LEU G 156 -5.08 -4.15 4.67
C LEU G 156 -4.33 -4.33 5.99
N TYR G 157 -4.43 -5.51 6.59
CA TYR G 157 -3.65 -5.80 7.80
C TYR G 157 -2.17 -5.59 7.55
N ASP G 158 -1.68 -6.06 6.41
CA ASP G 158 -0.26 -5.91 6.10
C ASP G 158 0.16 -4.46 6.12
N ALA G 159 -0.61 -3.60 5.44
CA ALA G 159 -0.27 -2.18 5.43
C ALA G 159 -0.30 -1.58 6.83
N MET G 160 -1.39 -1.81 7.55
CA MET G 160 -1.55 -1.18 8.86
C MET G 160 -0.49 -1.64 9.85
N PHE G 161 -0.07 -2.90 9.76
CA PHE G 161 0.92 -3.40 10.69
C PHE G 161 2.31 -2.94 10.29
N ALA G 162 2.63 -2.95 9.00
CA ALA G 162 3.92 -2.45 8.57
C ALA G 162 4.09 -0.98 8.88
N GLN G 163 3.00 -0.25 9.13
CA GLN G 163 3.16 1.11 9.63
C GLN G 163 3.84 1.16 11.00
N TYR G 164 3.97 0.03 11.69
CA TYR G 164 4.56 -0.01 13.02
C TYR G 164 5.82 -0.86 13.07
N GLY G 165 6.31 -1.33 11.93
CA GLY G 165 7.46 -2.21 11.91
C GLY G 165 7.16 -3.65 12.19
N VAL G 166 5.92 -4.00 12.48
CA VAL G 166 5.53 -5.36 12.81
C VAL G 166 5.28 -6.13 11.52
N LYS G 167 5.55 -7.43 11.56
CA LYS G 167 5.34 -8.30 10.42
C LYS G 167 4.23 -9.29 10.75
N ILE G 168 3.50 -9.74 9.72
CA ILE G 168 2.37 -10.63 9.93
C ILE G 168 2.52 -11.85 9.04
N ALA G 169 1.78 -12.89 9.38
CA ALA G 169 1.75 -14.13 8.63
C ALA G 169 0.33 -14.63 8.60
N GLN G 170 -0.03 -15.31 7.52
CA GLN G 170 -1.41 -15.74 7.28
C GLN G 170 -1.47 -17.26 7.29
N VAL G 171 -2.00 -17.83 8.37
CA VAL G 171 -2.16 -19.26 8.51
C VAL G 171 -3.64 -19.58 8.35
N LEU G 172 -3.98 -20.43 7.38
CA LEU G 172 -5.37 -20.78 7.08
C LEU G 172 -5.59 -22.25 7.40
N VAL G 173 -6.44 -22.52 8.39
CA VAL G 173 -6.70 -23.88 8.84
C VAL G 173 -8.09 -24.29 8.39
N THR G 174 -8.40 -25.57 8.55
CA THR G 174 -9.73 -26.08 8.24
C THR G 174 -10.26 -26.97 9.35
N LYS G 175 -11.36 -27.65 9.12
CA LYS G 175 -11.89 -28.56 10.12
C LYS G 175 -11.13 -29.88 10.15
N PRO G 176 -10.77 -30.49 9.01
CA PRO G 176 -10.01 -31.75 9.08
C PRO G 176 -8.56 -31.60 9.51
N ASP G 177 -8.02 -30.39 9.55
CA ASP G 177 -6.65 -30.22 10.04
C ASP G 177 -6.55 -30.30 11.54
N PHE G 178 -7.65 -30.49 12.25
CA PHE G 178 -7.64 -30.63 13.70
C PHE G 178 -7.98 -32.03 14.16
N TYR G 179 -8.01 -32.99 13.24
CA TYR G 179 -8.17 -34.40 13.56
C TYR G 179 -6.93 -35.21 13.29
N ASN G 180 -6.21 -34.91 12.22
CA ASN G 180 -4.93 -35.56 11.97
C ASN G 180 -3.91 -35.12 13.01
N GLU G 181 -3.50 -36.04 13.87
CA GLU G 181 -2.54 -35.69 14.91
C GLU G 181 -1.25 -35.14 14.30
N GLU G 182 -0.84 -35.69 13.17
CA GLU G 182 0.36 -35.17 12.51
C GLU G 182 0.16 -33.73 12.08
N THR G 183 -0.97 -33.44 11.44
CA THR G 183 -1.22 -32.08 10.98
C THR G 183 -1.41 -31.12 12.15
N ARG G 184 -2.05 -31.58 13.22
CA ARG G 184 -2.24 -30.70 14.37
C ARG G 184 -0.91 -30.35 15.03
N ASN G 185 -0.05 -31.35 15.22
CA ASN G 185 1.24 -31.08 15.83
C ASN G 185 2.09 -30.20 14.93
N ASN G 186 2.03 -30.42 13.61
CA ASN G 186 2.77 -29.55 12.71
C ASN G 186 2.27 -28.12 12.77
N LEU G 187 0.95 -27.95 12.83
CA LEU G 187 0.39 -26.61 12.90
C LEU G 187 0.86 -25.90 14.16
N PHE G 188 0.88 -26.59 15.29
CA PHE G 188 1.27 -25.90 16.52
C PHE G 188 2.77 -25.65 16.58
N CYS G 189 3.58 -26.54 16.01
CA CYS G 189 5.00 -26.21 15.88
C CYS G 189 5.21 -24.98 15.02
N THR G 190 4.45 -24.87 13.93
CA THR G 190 4.54 -23.69 13.07
C THR G 190 4.15 -22.43 13.83
N LEU G 191 3.05 -22.48 14.58
CA LEU G 191 2.61 -21.30 15.31
C LEU G 191 3.64 -20.88 16.35
N SER G 192 4.18 -21.84 17.10
CA SER G 192 5.17 -21.49 18.11
C SER G 192 6.42 -20.92 17.46
N GLU G 193 6.83 -21.48 16.32
CA GLU G 193 8.01 -20.96 15.65
C GLU G 193 7.79 -19.56 15.11
N LEU G 194 6.59 -19.26 14.62
CA LEU G 194 6.30 -17.92 14.15
C LEU G 194 6.26 -16.93 15.29
N ILE G 195 5.69 -17.33 16.43
CA ILE G 195 5.60 -16.44 17.57
C ILE G 195 6.98 -16.14 18.12
N SER G 196 7.86 -17.12 18.14
CA SER G 196 9.19 -16.90 18.71
C SER G 196 10.11 -16.10 17.80
N LEU G 197 9.63 -15.58 16.68
CA LEU G 197 10.41 -14.70 15.82
C LEU G 197 9.84 -13.29 15.78
N ASN G 198 8.96 -12.96 16.71
CA ASN G 198 8.28 -11.66 16.73
C ASN G 198 7.56 -11.41 15.42
N ILE G 199 6.65 -12.33 15.09
CA ILE G 199 5.78 -12.24 13.93
C ILE G 199 4.38 -12.52 14.41
N VAL G 200 3.41 -11.72 13.97
CA VAL G 200 2.04 -11.85 14.43
C VAL G 200 1.24 -12.74 13.49
N PRO G 201 1.02 -14.01 13.80
CA PRO G 201 0.22 -14.84 12.91
C PRO G 201 -1.24 -14.43 12.98
N ILE G 202 -1.95 -14.65 11.89
CA ILE G 202 -3.35 -14.25 11.77
C ILE G 202 -4.12 -15.45 11.26
N ILE G 203 -4.73 -16.18 12.16
CA ILE G 203 -5.37 -17.46 11.85
C ILE G 203 -6.79 -17.21 11.36
N ASN G 204 -7.24 -18.01 10.41
CA ASN G 204 -8.61 -17.94 9.93
C ASN G 204 -8.91 -19.24 9.20
N THR G 205 -10.18 -19.62 9.18
CA THR G 205 -10.58 -20.86 8.53
C THR G 205 -10.60 -20.67 7.02
N ASN G 206 -10.20 -21.69 6.29
CA ASN G 206 -10.12 -21.64 4.84
C ASN G 206 -11.52 -21.67 4.27
N ASP G 207 -12.18 -20.51 4.28
CA ASP G 207 -13.55 -20.46 3.83
C ASP G 207 -13.66 -20.57 2.33
N ALA G 208 -12.56 -20.38 1.60
CA ALA G 208 -12.64 -20.31 0.14
C ALA G 208 -12.95 -21.67 -0.47
N VAL G 209 -12.35 -22.73 0.05
CA VAL G 209 -12.51 -24.06 -0.54
C VAL G 209 -13.20 -25.04 0.36
N SER G 210 -13.33 -24.77 1.66
CA SER G 210 -14.00 -25.70 2.54
C SER G 210 -14.46 -25.00 3.81
N PRO G 211 -15.57 -24.26 3.75
CA PRO G 211 -16.03 -23.54 4.94
C PRO G 211 -16.52 -24.50 6.00
N PRO G 212 -16.17 -24.26 7.26
CA PRO G 212 -16.54 -25.22 8.31
C PRO G 212 -17.98 -25.13 8.74
N MET G 213 -18.67 -24.02 8.46
CA MET G 213 -20.06 -23.89 8.89
C MET G 213 -20.94 -24.94 8.23
N PHE G 214 -20.60 -25.35 7.02
CA PHE G 214 -21.39 -26.33 6.29
C PHE G 214 -20.67 -27.66 6.17
N ILE G 228 -13.55 -30.00 21.32
CA ILE G 228 -14.57 -29.00 21.02
C ILE G 228 -14.82 -28.93 19.53
N PRO G 229 -16.07 -29.07 19.14
CA PRO G 229 -16.40 -29.06 17.71
C PRO G 229 -16.20 -27.70 17.07
N ILE G 230 -15.25 -27.58 16.15
CA ILE G 230 -14.95 -26.31 15.52
C ILE G 230 -16.05 -25.95 14.53
N LYS G 231 -16.96 -25.07 14.93
CA LYS G 231 -18.11 -24.73 14.10
C LYS G 231 -18.08 -23.29 13.60
N ASP G 232 -17.14 -22.47 14.06
CA ASP G 232 -17.09 -21.08 13.67
C ASP G 232 -15.68 -20.58 13.91
N ASN G 233 -15.53 -19.26 13.93
CA ASN G 233 -14.25 -18.64 14.28
C ASN G 233 -14.19 -18.28 15.75
N ASP G 234 -14.95 -18.97 16.59
CA ASP G 234 -14.86 -18.80 18.03
C ASP G 234 -14.38 -20.06 18.73
N SER G 235 -14.98 -21.20 18.43
CA SER G 235 -14.43 -22.45 18.93
C SER G 235 -13.02 -22.65 18.42
N LEU G 236 -12.72 -22.15 17.22
CA LEU G 236 -11.35 -22.20 16.73
C LEU G 236 -10.44 -21.39 17.63
N SER G 237 -10.87 -20.21 18.06
CA SER G 237 -10.03 -19.40 18.93
C SER G 237 -9.85 -20.05 20.28
N ALA G 238 -10.89 -20.68 20.82
CA ALA G 238 -10.74 -21.36 22.10
C ALA G 238 -9.79 -22.53 21.99
N MET G 239 -9.95 -23.37 20.98
CA MET G 239 -9.04 -24.50 20.80
C MET G 239 -7.61 -24.03 20.62
N LEU G 240 -7.40 -22.99 19.81
CA LEU G 240 -6.08 -22.44 19.61
C LEU G 240 -5.48 -21.96 20.93
N ALA G 241 -6.15 -21.03 21.60
CA ALA G 241 -5.61 -20.48 22.82
C ALA G 241 -5.58 -21.47 23.96
N ALA G 242 -6.15 -22.66 23.80
CA ALA G 242 -5.95 -23.69 24.81
C ALA G 242 -4.80 -24.61 24.47
N GLU G 243 -4.48 -24.80 23.20
CA GLU G 243 -3.35 -25.66 22.85
C GLU G 243 -2.02 -24.94 22.93
N VAL G 244 -1.93 -23.71 22.40
CA VAL G 244 -0.74 -22.91 22.56
C VAL G 244 -0.52 -22.52 24.02
N GLN G 245 -1.47 -22.84 24.89
CA GLN G 245 -1.41 -22.52 26.31
C GLN G 245 -1.24 -21.03 26.52
N ALA G 246 -2.06 -20.25 25.84
CA ALA G 246 -2.04 -18.81 26.01
C ALA G 246 -2.48 -18.45 27.43
N ASP G 247 -2.20 -17.21 27.81
CA ASP G 247 -2.53 -16.75 29.15
C ASP G 247 -3.88 -16.06 29.19
N LEU G 248 -4.23 -15.32 28.14
CA LEU G 248 -5.44 -14.53 28.11
C LEU G 248 -6.09 -14.70 26.75
N LEU G 249 -7.41 -14.71 26.74
CA LEU G 249 -8.19 -14.84 25.50
C LEU G 249 -9.23 -13.73 25.48
N ILE G 250 -9.12 -12.82 24.53
CA ILE G 250 -9.98 -11.65 24.46
C ILE G 250 -10.90 -11.82 23.26
N LEU G 251 -12.19 -12.01 23.52
CA LEU G 251 -13.19 -12.16 22.47
C LEU G 251 -13.86 -10.82 22.26
N MET G 252 -13.51 -10.14 21.17
CA MET G 252 -14.07 -8.82 20.88
C MET G 252 -15.36 -9.00 20.10
N SER G 253 -16.45 -9.19 20.82
CA SER G 253 -17.77 -9.27 20.21
C SER G 253 -18.26 -7.87 19.90
N ASP G 254 -19.54 -7.73 19.59
CA ASP G 254 -20.13 -6.43 19.32
C ASP G 254 -21.10 -5.98 20.41
N VAL G 255 -21.28 -6.78 21.45
CA VAL G 255 -22.13 -6.44 22.58
C VAL G 255 -21.24 -6.14 23.77
N ASP G 256 -21.76 -5.32 24.69
CA ASP G 256 -20.96 -4.80 25.79
C ASP G 256 -20.40 -5.87 26.72
N GLY G 257 -20.85 -7.12 26.61
CA GLY G 257 -20.42 -8.14 27.54
C GLY G 257 -21.38 -9.30 27.58
N ILE G 258 -21.82 -9.68 28.78
CA ILE G 258 -22.77 -10.76 28.94
C ILE G 258 -23.77 -10.35 30.02
N TYR G 259 -25.05 -10.30 29.65
CA TYR G 259 -26.11 -9.90 30.56
C TYR G 259 -26.78 -11.13 31.16
N ASN G 260 -27.52 -10.91 32.25
CA ASN G 260 -28.26 -11.99 32.86
C ASN G 260 -29.50 -12.33 32.03
N LYS G 261 -30.24 -11.30 31.60
CA LYS G 261 -31.34 -11.41 30.66
C LYS G 261 -31.05 -10.55 29.44
N PRO G 262 -31.63 -10.87 28.29
CA PRO G 262 -31.32 -10.12 27.07
C PRO G 262 -31.51 -8.62 27.27
N PRO G 263 -30.80 -7.80 26.51
CA PRO G 263 -30.79 -6.34 26.78
C PRO G 263 -32.16 -5.68 26.70
N TRP G 264 -33.06 -6.19 25.86
CA TRP G 264 -34.37 -5.57 25.65
C TRP G 264 -35.39 -6.03 26.68
N GLU G 265 -35.05 -5.93 27.97
CA GLU G 265 -35.95 -6.32 29.04
C GLU G 265 -35.65 -5.45 30.25
N ASP G 266 -36.23 -5.82 31.39
CA ASP G 266 -36.06 -5.11 32.65
C ASP G 266 -35.24 -5.98 33.59
N GLY G 267 -33.97 -5.63 33.77
CA GLY G 267 -33.06 -6.43 34.56
C GLY G 267 -31.85 -6.84 33.74
N ALA G 268 -31.56 -6.06 32.70
CA ALA G 268 -30.48 -6.38 31.78
C ALA G 268 -29.15 -5.80 32.29
N LYS G 269 -28.76 -6.26 33.47
CA LYS G 269 -27.50 -5.85 34.06
C LYS G 269 -26.34 -6.58 33.38
N LEU G 270 -25.18 -5.95 33.40
CA LEU G 270 -23.96 -6.55 32.87
C LEU G 270 -23.29 -7.36 33.97
N MET G 271 -22.71 -8.50 33.60
CA MET G 271 -22.05 -9.37 34.56
C MET G 271 -20.54 -9.15 34.44
N HIS G 272 -19.97 -8.46 35.41
CA HIS G 272 -18.55 -8.15 35.38
C HIS G 272 -17.68 -9.32 35.81
N THR G 273 -18.27 -10.42 36.25
CA THR G 273 -17.48 -11.60 36.61
C THR G 273 -18.38 -12.81 36.51
N TYR G 274 -18.11 -13.66 35.52
CA TYR G 274 -18.87 -14.88 35.32
C TYR G 274 -18.34 -15.97 36.23
N THR G 275 -18.88 -16.04 37.44
CA THR G 275 -18.51 -17.06 38.40
C THR G 275 -18.89 -18.42 37.83
N SER G 276 -17.93 -19.34 37.81
CA SER G 276 -18.10 -20.60 37.10
C SER G 276 -19.32 -21.40 37.55
N ASP G 277 -19.42 -21.69 38.85
CA ASP G 277 -20.41 -22.63 39.32
C ASP G 277 -21.85 -22.23 39.01
N ASP G 278 -22.32 -21.13 39.59
CA ASP G 278 -23.73 -20.79 39.47
C ASP G 278 -24.09 -20.32 38.07
N SER G 279 -23.27 -19.43 37.51
CA SER G 279 -23.63 -18.81 36.24
C SER G 279 -23.73 -19.83 35.12
N ASN G 280 -23.03 -20.96 35.27
CA ASN G 280 -23.13 -22.02 34.26
C ASN G 280 -24.55 -22.59 34.21
N SER G 281 -25.17 -22.79 35.37
CA SER G 281 -26.51 -23.35 35.40
C SER G 281 -27.56 -22.34 34.93
N ILE G 282 -27.33 -21.07 35.20
CA ILE G 282 -28.27 -20.04 34.78
C ILE G 282 -27.57 -19.01 33.90
N MET G 295 -25.10 -15.73 21.56
CA MET G 295 -24.05 -15.64 22.57
C MET G 295 -23.86 -16.98 23.26
N ASP G 296 -24.71 -17.95 22.95
CA ASP G 296 -24.52 -19.28 23.53
C ASP G 296 -23.25 -19.93 23.02
N SER G 297 -22.88 -19.67 21.76
CA SER G 297 -21.62 -20.20 21.25
C SER G 297 -20.43 -19.58 21.97
N LYS G 298 -20.46 -18.27 22.19
CA LYS G 298 -19.37 -17.62 22.90
C LYS G 298 -19.27 -18.10 24.33
N VAL G 299 -20.41 -18.26 25.00
CA VAL G 299 -20.37 -18.75 26.38
C VAL G 299 -19.82 -20.18 26.43
N LYS G 300 -20.25 -21.03 25.50
CA LYS G 300 -19.76 -22.41 25.52
C LYS G 300 -18.26 -22.46 25.27
N ALA G 301 -17.78 -21.75 24.25
CA ALA G 301 -16.35 -21.75 23.97
C ALA G 301 -15.56 -21.16 25.12
N ALA G 302 -16.08 -20.11 25.77
CA ALA G 302 -15.36 -19.49 26.88
C ALA G 302 -15.30 -20.42 28.08
N THR G 303 -16.40 -21.07 28.42
CA THR G 303 -16.36 -22.01 29.54
C THR G 303 -15.40 -23.17 29.25
N TRP G 304 -15.42 -23.68 28.01
CA TRP G 304 -14.47 -24.72 27.66
C TRP G 304 -13.04 -24.25 27.85
N ALA G 305 -12.67 -23.17 27.16
CA ALA G 305 -11.30 -22.67 27.26
C ALA G 305 -10.94 -22.25 28.67
N LEU G 306 -11.92 -22.03 29.54
CA LEU G 306 -11.60 -21.73 30.92
C LEU G 306 -11.30 -23.00 31.70
N ASP G 307 -12.03 -24.07 31.44
CA ASP G 307 -11.71 -25.32 32.13
C ASP G 307 -10.34 -25.86 31.76
N ARG G 308 -9.68 -25.30 30.77
CA ARG G 308 -8.40 -25.80 30.27
C ARG G 308 -7.22 -24.94 30.72
N GLY G 309 -7.45 -23.92 31.53
CA GLY G 309 -6.34 -23.10 31.99
C GLY G 309 -6.41 -21.66 31.54
N VAL G 310 -6.85 -21.43 30.31
CA VAL G 310 -6.97 -20.07 29.79
C VAL G 310 -7.99 -19.31 30.60
N SER G 311 -7.85 -17.98 30.65
CA SER G 311 -8.83 -17.11 31.28
C SER G 311 -9.35 -16.15 30.24
N VAL G 312 -10.68 -16.13 30.06
CA VAL G 312 -11.32 -15.51 28.92
C VAL G 312 -11.98 -14.20 29.34
N VAL G 313 -11.82 -13.17 28.52
CA VAL G 313 -12.44 -11.87 28.74
C VAL G 313 -13.23 -11.52 27.50
N ILE G 314 -14.54 -11.30 27.66
CA ILE G 314 -15.41 -10.92 26.57
C ILE G 314 -15.69 -9.44 26.68
N CYS G 315 -15.30 -8.68 25.66
CA CYS G 315 -15.46 -7.23 25.70
C CYS G 315 -16.22 -6.74 24.49
N ASN G 316 -16.38 -5.43 24.37
CA ASN G 316 -17.13 -4.83 23.27
C ASN G 316 -16.14 -4.22 22.30
N GLY G 317 -16.15 -4.70 21.06
CA GLY G 317 -15.18 -4.25 20.07
C GLY G 317 -15.36 -2.82 19.64
N MET G 318 -16.56 -2.28 19.78
CA MET G 318 -16.87 -0.92 19.35
C MET G 318 -16.55 0.11 20.43
N GLN G 319 -15.68 -0.23 21.37
CA GLN G 319 -15.24 0.67 22.42
C GLN G 319 -13.84 1.17 22.12
N GLU G 320 -13.55 2.40 22.53
CA GLU G 320 -12.26 2.98 22.26
C GLU G 320 -11.24 2.50 23.28
N LYS G 321 -10.10 2.01 22.79
CA LYS G 321 -9.02 1.49 23.62
C LYS G 321 -9.54 0.39 24.55
N ALA G 322 -9.94 -0.72 23.93
CA ALA G 322 -10.48 -1.85 24.67
C ALA G 322 -9.40 -2.77 25.19
N ILE G 323 -8.45 -3.18 24.34
CA ILE G 323 -7.40 -4.09 24.80
C ILE G 323 -6.52 -3.39 25.82
N LYS G 324 -6.18 -2.13 25.59
CA LYS G 324 -5.27 -1.44 26.48
C LYS G 324 -5.89 -1.15 27.84
N THR G 325 -7.20 -1.21 27.97
CA THR G 325 -7.81 -1.05 29.27
C THR G 325 -8.23 -2.38 29.89
N ILE G 326 -8.35 -3.44 29.09
CA ILE G 326 -8.53 -4.77 29.65
C ILE G 326 -7.24 -5.23 30.31
N ILE G 327 -6.12 -5.14 29.58
CA ILE G 327 -4.84 -5.51 30.14
C ILE G 327 -4.45 -4.54 31.24
N GLY G 328 -4.87 -3.29 31.16
CA GLY G 328 -4.55 -2.34 32.21
C GLY G 328 -5.15 -2.71 33.56
N GLY G 329 -6.22 -3.48 33.57
CA GLY G 329 -6.85 -3.89 34.80
C GLY G 329 -8.18 -3.22 35.08
N ARG G 330 -8.58 -2.22 34.29
CA ARG G 330 -9.84 -1.55 34.53
C ARG G 330 -11.00 -2.48 34.21
N LYS G 331 -12.15 -2.19 34.83
CA LYS G 331 -13.32 -3.06 34.74
C LYS G 331 -13.98 -2.86 33.38
N VAL G 332 -13.78 -3.83 32.49
CA VAL G 332 -14.31 -3.78 31.13
C VAL G 332 -14.74 -5.18 30.73
N GLY G 333 -15.97 -5.34 30.29
CA GLY G 333 -16.41 -6.63 29.79
C GLY G 333 -16.67 -7.64 30.89
N THR G 334 -16.76 -8.89 30.48
CA THR G 334 -16.98 -10.01 31.39
C THR G 334 -15.70 -10.83 31.49
N PHE G 335 -15.35 -11.22 32.70
CA PHE G 335 -14.11 -11.94 32.98
C PHE G 335 -14.45 -13.33 33.50
N PHE G 336 -14.22 -14.34 32.69
CA PHE G 336 -14.59 -15.71 33.03
C PHE G 336 -13.53 -16.30 33.95
N THR G 337 -13.85 -16.43 35.23
CA THR G 337 -12.92 -17.03 36.17
C THR G 337 -13.68 -17.92 37.15
N GLU G 338 -12.92 -18.60 38.00
CA GLU G 338 -13.51 -19.48 39.00
C GLU G 338 -14.28 -18.69 40.04
N GLN H 115 -27.66 4.03 -31.32
CA GLN H 115 -27.86 3.99 -29.87
C GLN H 115 -27.80 2.56 -29.35
N GLU H 116 -28.51 1.67 -30.02
CA GLU H 116 -28.68 0.29 -29.54
C GLU H 116 -27.37 -0.46 -29.45
N LEU H 117 -26.25 0.15 -29.82
CA LEU H 117 -24.94 -0.39 -29.49
C LEU H 117 -24.35 0.26 -28.24
N LEU H 118 -24.66 1.53 -27.99
CA LEU H 118 -24.22 2.15 -26.75
C LEU H 118 -25.07 1.72 -25.57
N MET H 119 -26.24 1.16 -25.81
CA MET H 119 -27.15 0.72 -24.76
C MET H 119 -27.09 -0.78 -24.55
N SER H 120 -26.03 -1.44 -25.00
CA SER H 120 -25.86 -2.87 -24.79
C SER H 120 -24.42 -3.21 -24.45
N LEU H 121 -23.69 -2.24 -23.91
CA LEU H 121 -22.36 -2.49 -23.39
C LEU H 121 -22.42 -2.64 -21.88
N SER H 122 -21.49 -3.42 -21.35
CA SER H 122 -21.39 -3.53 -19.91
C SER H 122 -20.96 -2.21 -19.32
N MET H 123 -21.48 -1.91 -18.12
CA MET H 123 -21.13 -0.66 -17.46
C MET H 123 -19.64 -0.50 -17.21
N ARG H 124 -18.85 -1.53 -17.48
CA ARG H 124 -17.40 -1.42 -17.38
C ARG H 124 -16.77 -0.95 -18.68
N GLU H 125 -17.30 -1.40 -19.81
CA GLU H 125 -16.78 -0.94 -21.10
C GLU H 125 -17.11 0.52 -21.34
N THR H 126 -18.26 0.99 -20.85
CA THR H 126 -18.63 2.39 -21.04
C THR H 126 -17.65 3.31 -20.34
N LEU H 127 -17.18 2.94 -19.16
CA LEU H 127 -16.24 3.76 -18.42
C LEU H 127 -14.81 3.67 -18.96
N ASN H 128 -14.59 2.96 -20.05
CA ASN H 128 -13.27 2.86 -20.67
C ASN H 128 -13.30 3.25 -22.13
#